data_8J7F
#
_entry.id   8J7F
#
_cell.length_a   1.00
_cell.length_b   1.00
_cell.length_c   1.00
_cell.angle_alpha   90.00
_cell.angle_beta   90.00
_cell.angle_gamma   90.00
#
_symmetry.space_group_name_H-M   'P 1'
#
loop_
_entity.id
_entity.type
_entity.pdbx_description
1 polymer 'ion channel,Voltage dependent ion channel,Green fluorescent protein (Fragment),Voltage dependent ion channel,Green fluorescent protein (Fragment),Ion transport domain-containing protein'
2 polymer ILE-ALA-ALA-ILE-HIS-ASN-ALA-ARG-ARG-LYS-LYS-ARG-GLU-ALA-ALA-ALA-ALA-HIS-LYS-ALA
3 non-polymer 'CALCIUM ION'
4 non-polymer '(2S)-3-(hexadecanoyloxy)-2-[(9Z)-octadec-9-enoyloxy]propyl 2-(trimethylammonio)ethyl phosphate'
5 non-polymer CHOLESTEROL
6 water water
#
loop_
_entity_poly.entity_id
_entity_poly.type
_entity_poly.pdbx_seq_one_letter_code
_entity_poly.pdbx_strand_id
1 'polypeptide(L)'
;WLPHQRKVFDFYASQGVQYFTAFLIVSNFIFNCAEKEWDPYTDQLYQGLWRWGEFAFNTMFLIELLINFYGIAFCFWRYN
WAWNTFDLVVVAIGTLTMAEAIGGNFMPPSMALIRNLRAFRIFRLFKRIKSLNKIIVSLGKAIPGVANAFVIMVIIMCIY
AILGVEFYHMTGSDGTYVTYNDNVKRGLCTGDEVELGQCSLNQTVSSETARGYTYGEEYYGTFFRALYTLFQVLTGESWS
EAVARPAVFESHYDSFGPVLFYVSFIIICQIVLINVVVAVLLDKMVEED
;
A,B,C,D
2 'polypeptide(L)' IAAIHNARRKKREAAAAHKA E
#
# COMPACT_ATOMS: atom_id res chain seq x y z
N TRP A 1 -23.75 -52.78 -14.80
CA TRP A 1 -22.31 -52.63 -14.72
C TRP A 1 -21.61 -53.44 -15.81
N LEU A 2 -20.66 -52.79 -16.47
CA LEU A 2 -19.87 -53.43 -17.51
C LEU A 2 -19.00 -54.52 -16.91
N PRO A 3 -18.56 -55.50 -17.71
CA PRO A 3 -17.88 -56.68 -17.13
C PRO A 3 -16.59 -56.35 -16.41
N HIS A 4 -15.62 -55.72 -17.07
CA HIS A 4 -14.32 -55.46 -16.48
C HIS A 4 -14.20 -54.04 -15.95
N GLN A 5 -15.26 -53.52 -15.38
CA GLN A 5 -15.29 -52.14 -14.91
C GLN A 5 -14.76 -51.88 -13.52
N ARG A 6 -14.98 -52.83 -12.62
CA ARG A 6 -14.55 -52.65 -11.24
C ARG A 6 -13.05 -52.41 -11.14
N LYS A 7 -12.27 -53.20 -11.89
CA LYS A 7 -10.82 -53.12 -11.76
C LYS A 7 -10.26 -51.88 -12.44
N VAL A 8 -10.82 -51.50 -13.59
CA VAL A 8 -10.46 -50.22 -14.19
C VAL A 8 -10.80 -49.08 -13.24
N PHE A 9 -11.91 -49.20 -12.50
CA PHE A 9 -12.30 -48.15 -11.58
C PHE A 9 -11.28 -48.00 -10.46
N ASP A 10 -11.04 -49.07 -9.69
CA ASP A 10 -10.12 -48.90 -8.56
C ASP A 10 -8.67 -48.78 -9.03
N PHE A 11 -8.40 -49.03 -10.32
CA PHE A 11 -7.07 -48.74 -10.84
C PHE A 11 -6.91 -47.27 -11.14
N TYR A 12 -7.95 -46.61 -11.67
CA TYR A 12 -7.86 -45.18 -11.86
C TYR A 12 -7.79 -44.45 -10.53
N ALA A 13 -8.33 -45.03 -9.47
CA ALA A 13 -8.22 -44.45 -8.14
C ALA A 13 -6.93 -44.84 -7.43
N SER A 14 -5.94 -45.32 -8.17
CA SER A 14 -4.66 -45.67 -7.56
C SER A 14 -3.85 -44.42 -7.27
N GLN A 15 -3.13 -44.46 -6.14
CA GLN A 15 -2.28 -43.34 -5.78
C GLN A 15 -1.23 -43.08 -6.84
N GLY A 16 -0.66 -44.14 -7.41
CA GLY A 16 0.35 -43.97 -8.44
C GLY A 16 -0.22 -43.40 -9.72
N VAL A 17 -1.43 -43.84 -10.09
CA VAL A 17 -2.06 -43.30 -11.29
C VAL A 17 -2.43 -41.84 -11.09
N GLN A 18 -2.92 -41.48 -9.91
CA GLN A 18 -3.28 -40.09 -9.65
C GLN A 18 -2.04 -39.21 -9.58
N TYR A 19 -0.94 -39.75 -9.07
CA TYR A 19 0.31 -38.99 -9.07
C TYR A 19 0.88 -38.83 -10.48
N PHE A 20 0.71 -39.84 -11.32
CA PHE A 20 1.15 -39.70 -12.70
C PHE A 20 0.27 -38.69 -13.44
N THR A 21 -1.03 -38.68 -13.16
CA THR A 21 -1.90 -37.67 -13.76
C THR A 21 -1.55 -36.28 -13.26
N ALA A 22 -1.16 -36.16 -11.99
CA ALA A 22 -0.71 -34.87 -11.48
C ALA A 22 0.58 -34.44 -12.15
N PHE A 23 1.50 -35.37 -12.38
CA PHE A 23 2.70 -35.04 -13.12
C PHE A 23 2.36 -34.55 -14.52
N LEU A 24 1.39 -35.18 -15.17
CA LEU A 24 0.95 -34.76 -16.49
C LEU A 24 0.32 -33.37 -16.46
N ILE A 25 -0.50 -33.11 -15.45
CA ILE A 25 -1.15 -31.81 -15.30
C ILE A 25 -0.10 -30.72 -15.13
N VAL A 26 0.83 -30.94 -14.21
CA VAL A 26 1.87 -29.94 -13.94
C VAL A 26 2.75 -29.74 -15.15
N SER A 27 3.08 -30.81 -15.88
CA SER A 27 3.96 -30.66 -17.03
C SER A 27 3.24 -29.97 -18.18
N ASN A 28 1.92 -30.17 -18.31
CA ASN A 28 1.16 -29.41 -19.29
C ASN A 28 1.12 -27.93 -18.94
N PHE A 29 0.91 -27.63 -17.65
CA PHE A 29 0.93 -26.25 -17.20
C PHE A 29 2.29 -25.60 -17.48
N ILE A 30 3.37 -26.33 -17.21
CA ILE A 30 4.72 -25.82 -17.45
C ILE A 30 4.97 -25.66 -18.93
N PHE A 31 4.42 -26.55 -19.76
CA PHE A 31 4.52 -26.42 -21.21
C PHE A 31 3.84 -25.14 -21.69
N ASN A 32 2.71 -24.78 -21.09
CA ASN A 32 2.03 -23.54 -21.47
C ASN A 32 2.77 -22.31 -20.99
N CYS A 33 3.26 -22.34 -19.74
CA CYS A 33 4.10 -21.27 -19.22
C CYS A 33 5.33 -21.07 -20.10
N ALA A 34 5.96 -22.18 -20.51
CA ALA A 34 7.14 -22.11 -21.35
C ALA A 34 6.81 -21.63 -22.75
N GLU A 35 5.62 -21.94 -23.25
CA GLU A 35 5.21 -21.38 -24.53
C GLU A 35 5.10 -19.87 -24.45
N LYS A 36 4.51 -19.36 -23.37
CA LYS A 36 4.40 -17.92 -23.20
C LYS A 36 5.74 -17.26 -22.92
N GLU A 37 6.67 -17.99 -22.31
CA GLU A 37 7.99 -17.43 -22.02
C GLU A 37 8.87 -17.38 -23.27
N TRP A 38 8.92 -18.46 -24.04
CA TRP A 38 9.87 -18.57 -25.13
C TRP A 38 9.25 -18.36 -26.50
N ASP A 39 7.93 -18.31 -26.62
CA ASP A 39 7.27 -18.07 -27.90
C ASP A 39 5.93 -17.36 -27.68
N PRO A 40 5.96 -16.14 -27.15
CA PRO A 40 4.71 -15.39 -26.99
C PRO A 40 4.30 -14.62 -28.23
N TYR A 41 5.10 -14.66 -29.29
CA TYR A 41 4.88 -13.86 -30.47
C TYR A 41 3.67 -14.36 -31.25
N THR A 42 3.18 -13.52 -32.16
CA THR A 42 2.13 -13.93 -33.08
C THR A 42 2.69 -14.85 -34.15
N ASP A 43 3.78 -14.41 -34.80
CA ASP A 43 4.55 -15.29 -35.65
C ASP A 43 5.45 -16.09 -34.73
N GLN A 44 4.94 -17.23 -34.30
CA GLN A 44 5.68 -18.10 -33.43
C GLN A 44 6.82 -18.77 -34.16
N LEU A 45 8.02 -18.72 -33.58
CA LEU A 45 9.18 -19.38 -34.16
C LEU A 45 9.03 -20.89 -34.17
N TYR A 46 8.40 -21.46 -33.15
CA TYR A 46 8.27 -22.89 -33.06
C TYR A 46 6.84 -23.29 -32.89
N GLN A 47 6.03 -23.11 -33.91
CA GLN A 47 4.61 -23.40 -33.81
C GLN A 47 4.29 -24.89 -33.71
N GLY A 48 4.99 -25.72 -34.48
CA GLY A 48 4.72 -27.14 -34.42
C GLY A 48 4.96 -27.72 -33.05
N LEU A 49 5.97 -27.21 -32.35
CA LEU A 49 6.26 -27.70 -31.01
C LEU A 49 5.05 -27.56 -30.10
N TRP A 50 4.54 -26.33 -29.97
CA TRP A 50 3.39 -26.10 -29.11
C TRP A 50 2.16 -26.83 -29.62
N ARG A 51 1.94 -26.82 -30.94
CA ARG A 51 0.77 -27.47 -31.52
C ARG A 51 0.75 -28.97 -31.19
N TRP A 52 1.86 -29.66 -31.44
CA TRP A 52 1.88 -31.10 -31.24
C TRP A 52 2.03 -31.50 -29.79
N GLY A 53 2.69 -30.69 -28.96
CA GLY A 53 2.66 -30.95 -27.53
C GLY A 53 1.27 -30.79 -26.96
N GLU A 54 0.54 -29.78 -27.44
CA GLU A 54 -0.87 -29.63 -27.12
C GLU A 54 -1.65 -30.88 -27.53
N PHE A 55 -1.43 -31.34 -28.76
CA PHE A 55 -2.10 -32.54 -29.26
C PHE A 55 -1.82 -33.74 -28.35
N ALA A 56 -0.56 -33.94 -27.98
CA ALA A 56 -0.19 -35.09 -27.16
C ALA A 56 -0.80 -35.02 -25.77
N PHE A 57 -0.73 -33.84 -25.14
CA PHE A 57 -1.32 -33.69 -23.82
C PHE A 57 -2.83 -33.89 -23.86
N ASN A 58 -3.50 -33.31 -24.85
CA ASN A 58 -4.94 -33.48 -24.98
C ASN A 58 -5.29 -34.94 -25.22
N THR A 59 -4.46 -35.65 -25.99
CA THR A 59 -4.69 -37.07 -26.21
C THR A 59 -4.61 -37.84 -24.90
N MET A 60 -3.57 -37.61 -24.11
CA MET A 60 -3.44 -38.34 -22.86
C MET A 60 -4.57 -38.00 -21.89
N PHE A 61 -5.00 -36.74 -21.88
CA PHE A 61 -6.12 -36.36 -21.02
C PHE A 61 -7.42 -37.01 -21.47
N LEU A 62 -7.67 -37.06 -22.78
CA LEU A 62 -8.81 -37.81 -23.31
C LEU A 62 -8.74 -39.27 -22.90
N ILE A 63 -7.58 -39.90 -23.07
CA ILE A 63 -7.45 -41.32 -22.79
C ILE A 63 -7.75 -41.61 -21.33
N GLU A 64 -7.17 -40.84 -20.41
CA GLU A 64 -7.39 -41.17 -19.00
C GLU A 64 -8.70 -40.58 -18.50
N LEU A 65 -9.34 -39.71 -19.25
CA LEU A 65 -10.75 -39.42 -18.96
C LEU A 65 -11.63 -40.60 -19.32
N LEU A 66 -11.36 -41.25 -20.45
CA LEU A 66 -12.10 -42.45 -20.80
C LEU A 66 -11.86 -43.55 -19.78
N ILE A 67 -10.63 -43.67 -19.29
CA ILE A 67 -10.33 -44.62 -18.23
C ILE A 67 -11.07 -44.23 -16.95
N ASN A 68 -11.19 -42.93 -16.70
CA ASN A 68 -11.97 -42.44 -15.57
C ASN A 68 -13.43 -42.87 -15.70
N PHE A 69 -14.01 -42.66 -16.88
CA PHE A 69 -15.44 -42.88 -17.08
C PHE A 69 -15.80 -44.36 -17.16
N TYR A 70 -14.87 -45.20 -17.63
CA TYR A 70 -15.18 -46.63 -17.70
C TYR A 70 -15.39 -47.22 -16.32
N GLY A 71 -14.80 -46.61 -15.29
CA GLY A 71 -14.97 -47.12 -13.95
C GLY A 71 -16.27 -46.71 -13.29
N ILE A 72 -16.96 -45.72 -13.85
CA ILE A 72 -18.22 -45.25 -13.26
C ILE A 72 -19.36 -45.51 -14.23
N ALA A 73 -19.14 -46.44 -15.16
CA ALA A 73 -20.12 -46.83 -16.16
C ALA A 73 -20.49 -45.67 -17.08
N PHE A 74 -19.56 -44.75 -17.33
CA PHE A 74 -19.73 -43.58 -18.18
C PHE A 74 -20.85 -42.67 -17.70
N CYS A 75 -21.31 -42.82 -16.46
CA CYS A 75 -22.43 -42.05 -15.96
C CYS A 75 -21.96 -40.70 -15.42
N PHE A 76 -21.00 -40.73 -14.50
CA PHE A 76 -20.39 -39.55 -13.88
C PHE A 76 -21.43 -38.63 -13.24
N TRP A 77 -22.68 -39.09 -13.15
CA TRP A 77 -23.67 -38.39 -12.33
C TRP A 77 -23.48 -38.71 -10.86
N ARG A 78 -23.27 -40.00 -10.55
CA ARG A 78 -23.35 -40.44 -9.17
C ARG A 78 -22.06 -40.17 -8.41
N TYR A 79 -20.91 -40.50 -9.00
CA TYR A 79 -19.63 -40.42 -8.30
C TYR A 79 -18.87 -39.18 -8.73
N ASN A 80 -18.62 -38.29 -7.77
CA ASN A 80 -17.72 -37.16 -7.96
C ASN A 80 -18.15 -36.31 -9.16
N TRP A 81 -19.36 -35.76 -9.06
CA TRP A 81 -19.93 -35.11 -10.24
C TRP A 81 -19.15 -33.87 -10.62
N ALA A 82 -18.86 -32.97 -9.66
CA ALA A 82 -18.34 -31.65 -10.02
C ALA A 82 -17.00 -31.75 -10.73
N TRP A 83 -16.06 -32.48 -10.13
CA TRP A 83 -14.76 -32.64 -10.77
C TRP A 83 -14.89 -33.34 -12.11
N ASN A 84 -15.81 -34.31 -12.22
CA ASN A 84 -15.95 -35.05 -13.47
C ASN A 84 -16.46 -34.16 -14.59
N THR A 85 -17.41 -33.26 -14.31
CA THR A 85 -17.85 -32.36 -15.38
C THR A 85 -16.80 -31.30 -15.67
N PHE A 86 -16.01 -30.91 -14.68
CA PHE A 86 -14.89 -30.01 -14.98
C PHE A 86 -13.90 -30.68 -15.94
N ASP A 87 -13.53 -31.93 -15.65
CA ASP A 87 -12.66 -32.68 -16.55
C ASP A 87 -13.31 -32.84 -17.92
N LEU A 88 -14.60 -33.14 -17.94
CA LEU A 88 -15.30 -33.32 -19.21
C LEU A 88 -15.27 -32.04 -20.04
N VAL A 89 -15.48 -30.89 -19.40
CA VAL A 89 -15.46 -29.63 -20.14
C VAL A 89 -14.06 -29.34 -20.66
N VAL A 90 -13.04 -29.54 -19.83
CA VAL A 90 -11.69 -29.19 -20.27
C VAL A 90 -11.22 -30.12 -21.39
N VAL A 91 -11.57 -31.40 -21.31
CA VAL A 91 -11.14 -32.31 -22.38
C VAL A 91 -12.04 -32.16 -23.60
N ALA A 92 -13.28 -31.69 -23.43
CA ALA A 92 -14.09 -31.37 -24.60
C ALA A 92 -13.48 -30.21 -25.37
N ILE A 93 -13.06 -29.17 -24.65
CA ILE A 93 -12.38 -28.07 -25.32
C ILE A 93 -11.03 -28.52 -25.89
N GLY A 94 -10.37 -29.49 -25.24
CA GLY A 94 -9.13 -30.01 -25.77
C GLY A 94 -9.34 -30.82 -27.05
N THR A 95 -10.42 -31.58 -27.12
CA THR A 95 -10.73 -32.29 -28.36
C THR A 95 -11.16 -31.33 -29.45
N LEU A 96 -11.88 -30.28 -29.08
CA LEU A 96 -12.10 -29.17 -29.98
C LEU A 96 -10.78 -28.60 -30.49
N THR A 97 -9.76 -28.55 -29.63
CA THR A 97 -8.46 -28.05 -30.03
C THR A 97 -7.77 -29.02 -31.00
N MET A 98 -7.88 -30.31 -30.74
CA MET A 98 -7.37 -31.31 -31.69
C MET A 98 -8.05 -31.16 -33.05
N ALA A 99 -9.36 -30.89 -33.04
CA ALA A 99 -10.09 -30.70 -34.29
C ALA A 99 -9.62 -29.44 -35.01
N GLU A 100 -9.40 -28.35 -34.28
CA GLU A 100 -8.79 -27.17 -34.89
C GLU A 100 -7.41 -27.47 -35.45
N ALA A 101 -6.65 -28.31 -34.77
CA ALA A 101 -5.30 -28.60 -35.24
C ALA A 101 -5.32 -29.47 -36.48
N ILE A 102 -6.35 -30.30 -36.63
CA ILE A 102 -6.39 -31.23 -37.76
C ILE A 102 -7.16 -30.65 -38.94
N GLY A 103 -8.44 -30.36 -38.75
CA GLY A 103 -9.34 -30.23 -39.88
C GLY A 103 -10.19 -28.99 -40.04
N GLY A 104 -9.63 -27.79 -39.87
CA GLY A 104 -10.24 -26.59 -40.39
C GLY A 104 -10.73 -25.67 -39.29
N ASN A 105 -11.16 -24.48 -39.73
CA ASN A 105 -11.64 -23.43 -38.83
C ASN A 105 -13.15 -23.62 -38.59
N PHE A 106 -13.47 -24.76 -37.97
CA PHE A 106 -14.81 -25.00 -37.45
C PHE A 106 -15.11 -24.16 -36.22
N MET A 107 -14.09 -23.54 -35.62
CA MET A 107 -14.52 -22.59 -34.61
C MET A 107 -14.46 -21.16 -35.15
N PRO A 108 -15.49 -20.36 -34.89
CA PRO A 108 -15.47 -18.96 -35.34
C PRO A 108 -14.43 -18.16 -34.57
N PRO A 109 -13.92 -17.08 -35.18
CA PRO A 109 -12.90 -16.27 -34.50
C PRO A 109 -13.42 -15.46 -33.30
N SER A 110 -14.70 -15.63 -32.93
CA SER A 110 -15.26 -14.90 -31.80
C SER A 110 -15.05 -15.66 -30.49
N MET A 111 -14.75 -16.95 -30.57
CA MET A 111 -14.67 -17.81 -29.40
C MET A 111 -13.25 -18.27 -29.12
N ALA A 112 -12.25 -17.39 -29.20
CA ALA A 112 -10.88 -17.77 -28.82
C ALA A 112 -10.70 -17.79 -27.31
N LEU A 113 -11.51 -17.03 -26.57
CA LEU A 113 -11.42 -17.07 -25.11
C LEU A 113 -11.77 -18.45 -24.57
N ILE A 114 -12.37 -19.32 -25.37
CA ILE A 114 -12.48 -20.72 -25.01
C ILE A 114 -11.20 -21.48 -25.35
N ARG A 115 -10.44 -21.00 -26.33
CA ARG A 115 -9.14 -21.61 -26.61
C ARG A 115 -8.12 -21.24 -25.54
N ASN A 116 -8.41 -20.20 -24.76
CA ASN A 116 -7.52 -19.82 -23.67
C ASN A 116 -7.75 -20.62 -22.39
N LEU A 117 -8.66 -21.59 -22.38
CA LEU A 117 -9.02 -22.29 -21.16
C LEU A 117 -7.99 -23.36 -20.77
N ARG A 118 -6.93 -23.54 -21.54
CA ARG A 118 -5.93 -24.55 -21.22
C ARG A 118 -5.22 -24.24 -19.91
N ALA A 119 -5.07 -22.95 -19.59
CA ALA A 119 -4.37 -22.57 -18.37
C ALA A 119 -5.07 -23.09 -17.13
N PHE A 120 -6.36 -23.39 -17.22
CA PHE A 120 -7.15 -23.78 -16.07
C PHE A 120 -7.20 -25.29 -15.85
N ARG A 121 -6.48 -26.07 -16.65
CA ARG A 121 -6.39 -27.50 -16.38
C ARG A 121 -5.62 -27.77 -15.10
N ILE A 122 -4.73 -26.83 -14.71
CA ILE A 122 -3.95 -26.99 -13.50
C ILE A 122 -4.83 -27.05 -12.26
N PHE A 123 -6.08 -26.62 -12.36
CA PHE A 123 -6.98 -26.72 -11.22
C PHE A 123 -7.31 -28.17 -10.89
N ARG A 124 -7.13 -29.08 -11.85
CA ARG A 124 -7.31 -30.50 -11.56
C ARG A 124 -6.27 -31.00 -10.58
N LEU A 125 -5.12 -30.33 -10.48
CA LEU A 125 -4.12 -30.68 -9.48
C LEU A 125 -4.63 -30.47 -8.08
N PHE A 126 -5.50 -29.48 -7.88
CA PHE A 126 -6.07 -29.22 -6.56
C PHE A 126 -6.96 -30.38 -6.12
N LYS A 127 -7.30 -31.29 -7.03
CA LYS A 127 -8.00 -32.51 -6.64
C LYS A 127 -7.02 -33.61 -6.24
N ARG A 128 -5.86 -33.67 -6.89
CA ARG A 128 -4.88 -34.72 -6.63
C ARG A 128 -4.18 -34.52 -5.29
N ILE A 129 -3.78 -33.29 -4.99
CA ILE A 129 -3.02 -32.97 -3.80
C ILE A 129 -3.98 -32.55 -2.70
N LYS A 130 -3.93 -33.25 -1.55
CA LYS A 130 -4.90 -33.03 -0.48
C LYS A 130 -4.71 -31.69 0.23
N SER A 131 -3.52 -31.11 0.18
CA SER A 131 -3.29 -29.84 0.86
C SER A 131 -3.93 -28.67 0.10
N LEU A 132 -3.68 -28.58 -1.20
CA LEU A 132 -4.33 -27.56 -2.01
C LEU A 132 -5.85 -27.75 -1.99
N ASN A 133 -6.30 -29.00 -1.95
CA ASN A 133 -7.72 -29.26 -1.84
C ASN A 133 -8.28 -28.73 -0.53
N LYS A 134 -7.55 -28.95 0.56
CA LYS A 134 -7.97 -28.47 1.86
C LYS A 134 -8.02 -26.95 1.93
N ILE A 135 -7.14 -26.28 1.21
CA ILE A 135 -7.12 -24.82 1.23
C ILE A 135 -8.25 -24.25 0.37
N ILE A 136 -8.45 -24.81 -0.83
CA ILE A 136 -9.48 -24.26 -1.70
C ILE A 136 -10.87 -24.57 -1.14
N VAL A 137 -11.04 -25.71 -0.46
CA VAL A 137 -12.33 -25.97 0.16
C VAL A 137 -12.60 -24.99 1.30
N SER A 138 -11.57 -24.65 2.06
CA SER A 138 -11.74 -23.65 3.12
C SER A 138 -12.10 -22.30 2.52
N LEU A 139 -11.41 -21.90 1.45
CA LEU A 139 -11.76 -20.65 0.76
C LEU A 139 -13.21 -20.65 0.31
N GLY A 140 -13.66 -21.77 -0.28
CA GLY A 140 -15.00 -21.81 -0.83
C GLY A 140 -16.07 -21.80 0.24
N LYS A 141 -15.82 -22.48 1.36
CA LYS A 141 -16.77 -22.43 2.46
C LYS A 141 -16.68 -21.15 3.28
N ALA A 142 -15.67 -20.32 3.04
CA ALA A 142 -15.61 -19.01 3.68
C ALA A 142 -16.23 -17.89 2.86
N ILE A 143 -16.21 -17.98 1.53
CA ILE A 143 -16.75 -16.89 0.69
C ILE A 143 -18.18 -16.50 1.05
N PRO A 144 -19.13 -17.42 1.25
CA PRO A 144 -20.49 -17.00 1.63
C PRO A 144 -20.56 -16.16 2.88
N GLY A 145 -19.62 -16.30 3.81
CA GLY A 145 -19.60 -15.42 4.96
C GLY A 145 -19.12 -14.03 4.60
N VAL A 146 -18.15 -13.94 3.68
CA VAL A 146 -17.70 -12.64 3.19
C VAL A 146 -18.85 -11.89 2.55
N ALA A 147 -19.77 -12.60 1.90
CA ALA A 147 -20.87 -12.03 1.12
C ALA A 147 -21.51 -10.75 1.68
N ASN A 148 -21.89 -10.75 2.95
CA ASN A 148 -22.66 -9.65 3.51
C ASN A 148 -21.82 -8.37 3.59
N ALA A 149 -20.67 -8.46 4.27
CA ALA A 149 -19.78 -7.31 4.35
C ALA A 149 -19.33 -6.88 2.96
N PHE A 150 -19.20 -7.81 2.03
CA PHE A 150 -18.84 -7.43 0.67
C PHE A 150 -19.94 -6.59 0.02
N VAL A 151 -21.20 -6.98 0.21
CA VAL A 151 -22.27 -6.21 -0.43
C VAL A 151 -22.44 -4.86 0.24
N ILE A 152 -22.17 -4.77 1.55
CA ILE A 152 -22.16 -3.46 2.21
C ILE A 152 -21.06 -2.57 1.61
N MET A 153 -19.86 -3.15 1.46
CA MET A 153 -18.76 -2.46 0.80
C MET A 153 -19.16 -1.95 -0.58
N VAL A 154 -19.84 -2.79 -1.36
CA VAL A 154 -20.20 -2.43 -2.72
C VAL A 154 -21.26 -1.34 -2.73
N ILE A 155 -22.21 -1.39 -1.79
CA ILE A 155 -23.23 -0.35 -1.70
C ILE A 155 -22.59 0.99 -1.38
N ILE A 156 -21.65 1.00 -0.43
CA ILE A 156 -21.01 2.26 -0.06
C ILE A 156 -20.15 2.78 -1.21
N MET A 157 -19.42 1.90 -1.90
CA MET A 157 -18.66 2.32 -3.06
C MET A 157 -19.57 2.84 -4.17
N CYS A 158 -20.78 2.30 -4.28
CA CYS A 158 -21.71 2.75 -5.31
C CYS A 158 -22.30 4.11 -4.98
N ILE A 159 -22.59 4.35 -3.70
CA ILE A 159 -22.99 5.69 -3.26
C ILE A 159 -21.90 6.69 -3.58
N TYR A 160 -20.67 6.36 -3.22
CA TYR A 160 -19.56 7.27 -3.50
C TYR A 160 -19.36 7.46 -4.99
N ALA A 161 -19.64 6.44 -5.81
CA ALA A 161 -19.50 6.59 -7.25
C ALA A 161 -20.57 7.49 -7.82
N ILE A 162 -21.80 7.39 -7.30
CA ILE A 162 -22.87 8.30 -7.71
C ILE A 162 -22.49 9.74 -7.38
N LEU A 163 -22.05 9.97 -6.14
CA LEU A 163 -21.64 11.30 -5.72
C LEU A 163 -20.45 11.79 -6.52
N GLY A 164 -19.52 10.89 -6.84
CA GLY A 164 -18.34 11.29 -7.58
C GLY A 164 -18.67 11.67 -9.01
N VAL A 165 -19.62 10.97 -9.63
CA VAL A 165 -20.05 11.37 -10.96
C VAL A 165 -20.77 12.71 -10.89
N GLU A 166 -21.57 12.92 -9.85
CA GLU A 166 -22.26 14.20 -9.72
C GLU A 166 -21.28 15.36 -9.54
N PHE A 167 -20.29 15.19 -8.66
CA PHE A 167 -19.39 16.29 -8.34
C PHE A 167 -18.30 16.48 -9.38
N TYR A 168 -17.58 15.42 -9.72
CA TYR A 168 -16.30 15.55 -10.40
C TYR A 168 -16.31 15.14 -11.85
N HIS A 169 -17.46 14.80 -12.43
CA HIS A 169 -17.45 14.33 -13.81
C HIS A 169 -17.08 15.41 -14.80
N MET A 170 -17.04 16.67 -14.40
CA MET A 170 -16.69 17.76 -15.32
C MET A 170 -15.49 18.56 -14.83
N THR A 171 -14.74 18.05 -13.86
CA THR A 171 -13.57 18.76 -13.36
C THR A 171 -12.46 18.78 -14.41
N GLY A 172 -12.03 19.98 -14.79
CA GLY A 172 -10.97 20.12 -15.76
C GLY A 172 -11.39 19.85 -17.19
N SER A 173 -12.69 20.01 -17.49
CA SER A 173 -13.20 19.65 -18.81
C SER A 173 -12.60 20.49 -19.91
N ASP A 174 -12.25 21.73 -19.60
CA ASP A 174 -11.53 22.58 -20.53
C ASP A 174 -10.17 22.00 -20.90
N GLY A 175 -9.74 20.95 -20.21
CA GLY A 175 -8.40 20.44 -20.30
C GLY A 175 -7.45 21.05 -19.30
N THR A 176 -7.80 22.20 -18.75
CA THR A 176 -7.00 22.87 -17.74
C THR A 176 -7.89 23.22 -16.57
N TYR A 177 -7.27 23.45 -15.42
CA TYR A 177 -7.96 24.05 -14.29
C TYR A 177 -7.05 25.07 -13.64
N VAL A 178 -7.62 25.82 -12.70
CA VAL A 178 -6.93 26.93 -12.05
C VAL A 178 -6.68 26.59 -10.60
N THR A 179 -5.49 26.92 -10.10
CA THR A 179 -5.14 26.79 -8.71
C THR A 179 -4.73 28.16 -8.21
N TYR A 180 -4.69 28.34 -6.90
CA TYR A 180 -4.54 29.66 -6.31
C TYR A 180 -3.37 29.74 -5.34
N ASN A 181 -2.58 30.79 -5.50
CA ASN A 181 -1.37 31.04 -4.72
C ASN A 181 -1.68 31.80 -3.44
N ASP A 182 -0.64 31.89 -2.60
CA ASP A 182 -0.54 32.90 -1.57
C ASP A 182 0.77 33.65 -1.73
N ASN A 183 1.14 33.95 -2.96
CA ASN A 183 2.47 34.47 -3.27
C ASN A 183 2.75 35.77 -2.52
N VAL A 184 1.73 36.62 -2.36
CA VAL A 184 1.93 37.88 -1.66
C VAL A 184 2.22 37.64 -0.19
N LYS A 185 1.33 36.92 0.48
CA LYS A 185 1.49 36.69 1.92
C LYS A 185 2.72 35.85 2.22
N ARG A 186 3.19 35.10 1.23
CA ARG A 186 4.39 34.28 1.42
C ARG A 186 5.64 35.04 1.04
N GLY A 187 5.53 36.33 0.78
CA GLY A 187 6.70 37.15 0.51
C GLY A 187 7.29 36.95 -0.86
N LEU A 188 6.77 36.02 -1.63
CA LEU A 188 7.33 35.73 -2.94
C LEU A 188 7.00 36.83 -3.93
N CYS A 189 6.06 37.72 -3.59
CA CYS A 189 5.74 38.86 -4.41
C CYS A 189 5.08 39.92 -3.54
N THR A 190 4.93 41.11 -4.10
CA THR A 190 4.24 42.21 -3.48
C THR A 190 2.85 42.36 -4.10
N GLY A 191 1.95 43.01 -3.38
CA GLY A 191 0.67 43.35 -3.97
C GLY A 191 0.79 44.25 -5.18
N ASP A 192 1.80 45.11 -5.21
CA ASP A 192 1.97 46.03 -6.34
C ASP A 192 2.27 45.28 -7.64
N GLU A 193 3.12 44.26 -7.58
CA GLU A 193 3.44 43.53 -8.81
C GLU A 193 2.31 42.59 -9.21
N VAL A 194 1.45 42.21 -8.27
CA VAL A 194 0.25 41.47 -8.65
C VAL A 194 -0.71 42.38 -9.38
N GLU A 195 -0.94 43.59 -8.85
CA GLU A 195 -1.83 44.53 -9.53
C GLU A 195 -1.23 45.06 -10.82
N LEU A 196 0.09 44.99 -10.96
CA LEU A 196 0.73 45.52 -12.15
C LEU A 196 0.65 44.56 -13.32
N GLY A 197 0.72 43.26 -13.06
CA GLY A 197 0.66 42.28 -14.13
C GLY A 197 1.98 41.55 -14.31
N GLN A 198 2.84 41.63 -13.29
CA GLN A 198 4.16 41.00 -13.37
C GLN A 198 4.13 39.59 -12.80
N CYS A 199 3.38 39.36 -11.73
CA CYS A 199 3.12 38.03 -11.23
C CYS A 199 1.63 37.86 -10.99
N SER A 200 1.23 36.67 -10.57
CA SER A 200 -0.19 36.35 -10.44
C SER A 200 -0.43 35.48 -9.23
N LEU A 201 -1.67 35.47 -8.76
CA LEU A 201 -2.07 34.65 -7.62
C LEU A 201 -2.79 33.38 -8.04
N ASN A 202 -2.83 33.08 -9.34
CA ASN A 202 -3.43 31.85 -9.84
C ASN A 202 -2.56 31.28 -10.94
N GLN A 203 -2.62 29.95 -11.09
CA GLN A 203 -1.87 29.23 -12.11
C GLN A 203 -2.83 28.31 -12.85
N THR A 204 -2.69 28.27 -14.18
CA THR A 204 -3.49 27.38 -15.03
C THR A 204 -2.75 26.05 -15.18
N VAL A 205 -3.37 25.01 -14.65
CA VAL A 205 -2.78 23.68 -14.66
C VAL A 205 -3.48 22.76 -15.66
N SER A 206 -2.72 22.02 -16.45
CA SER A 206 -3.31 21.08 -17.41
C SER A 206 -4.04 19.96 -16.68
N SER A 207 -5.23 19.64 -17.15
CA SER A 207 -6.06 18.62 -16.54
C SER A 207 -6.03 17.25 -17.19
N GLU A 208 -5.31 17.15 -18.31
CA GLU A 208 -5.26 15.90 -19.06
C GLU A 208 -4.44 14.81 -18.47
N THR A 209 -5.00 13.61 -18.44
CA THR A 209 -4.33 12.45 -17.90
C THR A 209 -3.38 11.78 -18.86
N ALA A 210 -2.65 10.79 -18.37
CA ALA A 210 -1.74 10.01 -19.21
C ALA A 210 -2.48 9.27 -20.29
N ARG A 211 -3.74 8.90 -20.05
CA ARG A 211 -4.53 8.16 -21.04
C ARG A 211 -5.28 9.07 -21.98
N GLY A 212 -4.95 10.35 -22.02
CA GLY A 212 -5.54 11.28 -22.97
C GLY A 212 -6.81 12.03 -22.63
N TYR A 213 -7.42 11.70 -21.51
CA TYR A 213 -8.64 12.34 -21.11
C TYR A 213 -8.40 13.53 -20.24
N THR A 214 -9.46 14.21 -19.81
CA THR A 214 -9.32 15.29 -18.84
C THR A 214 -9.64 14.63 -17.51
N TYR A 215 -9.29 15.25 -16.41
CA TYR A 215 -9.45 14.63 -15.10
C TYR A 215 -10.85 14.16 -14.73
N GLY A 216 -11.85 14.98 -14.96
CA GLY A 216 -13.20 14.59 -14.65
C GLY A 216 -13.71 13.43 -15.45
N GLU A 217 -13.48 13.46 -16.76
CA GLU A 217 -13.92 12.40 -17.64
C GLU A 217 -13.33 11.04 -17.42
N GLU A 218 -12.04 10.99 -17.18
CA GLU A 218 -11.35 9.75 -16.93
C GLU A 218 -11.74 9.09 -15.64
N TYR A 219 -11.82 9.85 -14.56
CA TYR A 219 -12.10 9.26 -13.26
C TYR A 219 -13.54 9.13 -12.85
N TYR A 220 -14.35 10.11 -13.23
CA TYR A 220 -15.73 10.13 -12.83
C TYR A 220 -16.60 10.49 -13.98
N GLY A 221 -16.19 10.13 -15.18
CA GLY A 221 -17.00 10.47 -16.34
C GLY A 221 -18.32 9.74 -16.38
N THR A 222 -18.33 8.48 -15.95
CA THR A 222 -19.55 7.69 -15.86
C THR A 222 -19.53 6.95 -14.53
N PHE A 223 -20.58 6.19 -14.27
CA PHE A 223 -20.72 5.48 -13.00
C PHE A 223 -19.72 4.34 -12.87
N PHE A 224 -19.45 3.61 -13.94
CA PHE A 224 -18.51 2.50 -13.85
C PHE A 224 -17.08 2.99 -13.87
N ARG A 225 -16.80 4.11 -14.53
CA ARG A 225 -15.51 4.76 -14.37
C ARG A 225 -15.27 5.18 -12.93
N ALA A 226 -16.27 5.80 -12.31
CA ALA A 226 -16.14 6.23 -10.93
C ALA A 226 -16.01 5.03 -9.99
N LEU A 227 -16.71 3.94 -10.28
CA LEU A 227 -16.61 2.74 -9.46
C LEU A 227 -15.23 2.11 -9.56
N TYR A 228 -14.66 2.09 -10.77
CA TYR A 228 -13.29 1.63 -10.95
C TYR A 228 -12.31 2.53 -10.20
N THR A 229 -12.50 3.85 -10.30
CA THR A 229 -11.66 4.80 -9.59
C THR A 229 -11.72 4.59 -8.09
N LEU A 230 -12.91 4.28 -7.57
CA LEU A 230 -13.03 4.08 -6.13
C LEU A 230 -12.47 2.74 -5.70
N PHE A 231 -12.47 1.73 -6.58
CA PHE A 231 -11.74 0.51 -6.29
C PHE A 231 -10.24 0.78 -6.22
N GLN A 232 -9.74 1.57 -7.16
CA GLN A 232 -8.33 1.95 -7.13
C GLN A 232 -7.98 2.71 -5.85
N VAL A 233 -8.83 3.67 -5.46
CA VAL A 233 -8.62 4.38 -4.21
C VAL A 233 -8.74 3.44 -3.02
N LEU A 234 -9.61 2.45 -3.11
CA LEU A 234 -9.77 1.47 -2.04
C LEU A 234 -8.51 0.65 -1.85
N THR A 235 -7.69 0.53 -2.87
CA THR A 235 -6.43 -0.20 -2.77
C THR A 235 -5.28 0.76 -2.44
N GLY A 236 -5.52 2.07 -2.51
CA GLY A 236 -4.51 3.04 -2.19
C GLY A 236 -3.64 3.47 -3.33
N GLU A 237 -3.97 3.02 -4.52
CA GLU A 237 -3.14 3.34 -5.67
C GLU A 237 -3.24 4.75 -6.19
N SER A 238 -2.22 5.55 -5.98
CA SER A 238 -2.12 6.91 -6.52
C SER A 238 -3.38 7.73 -6.24
N TRP A 239 -4.03 7.44 -5.12
CA TRP A 239 -5.33 8.04 -4.86
C TRP A 239 -5.25 9.53 -4.60
N SER A 240 -4.09 10.04 -4.18
CA SER A 240 -3.94 11.46 -3.89
C SER A 240 -3.35 12.22 -5.08
N GLU A 241 -2.22 11.75 -5.60
CA GLU A 241 -1.49 12.54 -6.59
C GLU A 241 -2.23 12.63 -7.92
N ALA A 242 -2.95 11.58 -8.29
CA ALA A 242 -3.66 11.55 -9.57
C ALA A 242 -5.14 11.83 -9.43
N VAL A 243 -5.74 11.49 -8.30
CA VAL A 243 -7.20 11.59 -8.15
C VAL A 243 -7.58 12.71 -7.19
N ALA A 244 -7.20 12.56 -5.91
CA ALA A 244 -7.74 13.44 -4.87
C ALA A 244 -7.21 14.85 -5.00
N ARG A 245 -5.90 15.02 -5.11
CA ARG A 245 -5.32 16.37 -5.05
C ARG A 245 -5.76 17.30 -6.17
N PRO A 246 -5.92 16.87 -7.43
CA PRO A 246 -6.47 17.81 -8.42
C PRO A 246 -7.83 18.35 -8.04
N ALA A 247 -8.72 17.51 -7.52
CA ALA A 247 -10.03 17.98 -7.08
C ALA A 247 -9.91 18.87 -5.84
N VAL A 248 -9.01 18.51 -4.93
CA VAL A 248 -8.85 19.25 -3.68
C VAL A 248 -8.36 20.67 -3.95
N PHE A 249 -7.40 20.82 -4.84
CA PHE A 249 -6.81 22.13 -5.11
C PHE A 249 -7.49 22.86 -6.26
N GLU A 250 -8.36 22.19 -7.01
CA GLU A 250 -9.19 22.89 -7.97
C GLU A 250 -10.21 23.77 -7.26
N SER A 251 -10.70 23.31 -6.11
CA SER A 251 -11.54 24.11 -5.25
C SER A 251 -10.72 25.23 -4.61
N HIS A 252 -11.06 26.48 -4.92
CA HIS A 252 -10.33 27.60 -4.37
C HIS A 252 -10.39 27.58 -2.84
N TYR A 253 -11.59 27.71 -2.29
CA TYR A 253 -11.79 27.73 -0.85
C TYR A 253 -12.67 26.61 -0.36
N ASP A 254 -13.30 25.85 -1.24
CA ASP A 254 -14.21 24.77 -0.87
C ASP A 254 -13.47 23.44 -0.77
N SER A 255 -12.17 23.47 -0.51
CA SER A 255 -11.34 22.28 -0.51
C SER A 255 -11.80 21.23 0.48
N PHE A 256 -12.61 21.59 1.47
CA PHE A 256 -13.10 20.59 2.42
C PHE A 256 -14.00 19.57 1.75
N GLY A 257 -14.62 19.95 0.63
CA GLY A 257 -15.51 19.06 -0.09
C GLY A 257 -14.81 17.82 -0.59
N PRO A 258 -13.88 17.99 -1.54
CA PRO A 258 -13.12 16.83 -2.01
C PRO A 258 -12.29 16.18 -0.93
N VAL A 259 -11.68 16.97 -0.05
CA VAL A 259 -10.88 16.40 1.03
C VAL A 259 -11.72 15.45 1.85
N LEU A 260 -12.93 15.87 2.21
CA LEU A 260 -13.78 15.04 3.06
C LEU A 260 -14.34 13.86 2.30
N PHE A 261 -14.67 14.06 1.02
CA PHE A 261 -15.02 12.95 0.14
C PHE A 261 -14.00 11.83 0.23
N TYR A 262 -12.75 12.15 -0.10
CA TYR A 262 -11.72 11.12 -0.18
C TYR A 262 -11.32 10.61 1.20
N VAL A 263 -11.24 11.48 2.19
CA VAL A 263 -10.82 11.06 3.53
C VAL A 263 -11.87 10.15 4.15
N SER A 264 -13.15 10.51 4.04
CA SER A 264 -14.22 9.67 4.55
C SER A 264 -14.26 8.34 3.82
N PHE A 265 -14.11 8.34 2.49
CA PHE A 265 -14.12 7.09 1.76
C PHE A 265 -12.96 6.20 2.19
N ILE A 266 -11.74 6.75 2.18
CA ILE A 266 -10.58 5.96 2.58
C ILE A 266 -10.80 5.37 3.96
N ILE A 267 -11.12 6.23 4.94
CA ILE A 267 -11.33 5.74 6.30
C ILE A 267 -12.35 4.61 6.29
N ILE A 268 -13.60 4.92 5.94
CA ILE A 268 -14.69 3.97 6.06
C ILE A 268 -14.36 2.71 5.28
N CYS A 269 -14.34 2.84 3.95
CA CYS A 269 -14.21 1.66 3.10
C CYS A 269 -12.88 1.00 3.36
N GLN A 270 -11.78 1.66 3.01
CA GLN A 270 -10.48 1.02 3.06
C GLN A 270 -10.27 0.45 4.45
N ILE A 271 -10.10 1.32 5.45
CA ILE A 271 -9.67 0.82 6.74
C ILE A 271 -10.75 -0.09 7.30
N VAL A 272 -11.91 0.48 7.64
CA VAL A 272 -12.88 -0.27 8.41
C VAL A 272 -13.38 -1.45 7.61
N LEU A 273 -13.92 -1.20 6.41
CA LEU A 273 -14.66 -2.23 5.71
C LEU A 273 -13.74 -3.30 5.14
N ILE A 274 -12.60 -2.93 4.55
CA ILE A 274 -11.70 -3.97 4.07
C ILE A 274 -11.23 -4.84 5.22
N ASN A 275 -10.93 -4.23 6.37
CA ASN A 275 -10.44 -5.06 7.45
C ASN A 275 -11.54 -5.93 8.04
N VAL A 276 -12.80 -5.48 8.02
CA VAL A 276 -13.89 -6.37 8.47
C VAL A 276 -14.10 -7.51 7.49
N VAL A 277 -14.03 -7.23 6.19
CA VAL A 277 -14.22 -8.27 5.19
C VAL A 277 -13.14 -9.34 5.34
N VAL A 278 -11.88 -8.92 5.42
CA VAL A 278 -10.79 -9.88 5.56
C VAL A 278 -10.87 -10.59 6.90
N ALA A 279 -11.34 -9.92 7.95
CA ALA A 279 -11.47 -10.58 9.24
C ALA A 279 -12.52 -11.69 9.19
N VAL A 280 -13.65 -11.44 8.55
CA VAL A 280 -14.67 -12.48 8.38
C VAL A 280 -14.12 -13.63 7.55
N LEU A 281 -13.46 -13.31 6.43
CA LEU A 281 -12.83 -14.33 5.60
C LEU A 281 -11.93 -15.25 6.43
N LEU A 282 -10.97 -14.66 7.15
CA LEU A 282 -10.01 -15.47 7.88
C LEU A 282 -10.64 -16.19 9.06
N ASP A 283 -11.69 -15.63 9.68
CA ASP A 283 -12.37 -16.34 10.76
C ASP A 283 -13.04 -17.60 10.24
N LYS A 284 -13.75 -17.49 9.11
CA LYS A 284 -14.41 -18.65 8.55
C LYS A 284 -13.38 -19.68 8.09
N MET A 285 -12.21 -19.24 7.61
CA MET A 285 -11.16 -20.19 7.27
C MET A 285 -10.60 -20.90 8.50
N VAL A 286 -10.37 -20.16 9.60
CA VAL A 286 -9.69 -20.76 10.74
C VAL A 286 -10.64 -21.62 11.56
N GLU A 287 -11.96 -21.48 11.36
CA GLU A 287 -12.86 -22.48 11.92
C GLU A 287 -13.31 -23.48 10.86
N GLU A 288 -12.89 -23.26 9.61
CA GLU A 288 -12.72 -24.36 8.66
C GLU A 288 -11.50 -25.19 9.02
N ASP A 289 -10.57 -24.62 9.80
CA ASP A 289 -9.36 -25.35 10.17
C ASP A 289 -9.65 -26.49 11.14
N TRP B 1 -56.16 5.28 19.73
CA TRP B 1 -55.89 4.46 18.56
C TRP B 1 -57.00 4.58 17.52
N LEU B 2 -56.58 4.77 16.28
CA LEU B 2 -57.51 4.87 15.17
C LEU B 2 -58.21 3.53 14.96
N PRO B 3 -59.39 3.52 14.31
CA PRO B 3 -60.18 2.28 14.27
C PRO B 3 -59.50 1.13 13.56
N HIS B 4 -59.11 1.30 12.30
CA HIS B 4 -58.54 0.22 11.50
C HIS B 4 -57.01 0.28 11.46
N GLN B 5 -56.39 0.66 12.57
CA GLN B 5 -54.95 0.82 12.63
C GLN B 5 -54.14 -0.43 12.89
N ARG B 6 -54.67 -1.30 13.73
CA ARG B 6 -53.92 -2.51 14.11
C ARG B 6 -53.56 -3.34 12.89
N LYS B 7 -54.51 -3.52 11.97
CA LYS B 7 -54.27 -4.41 10.84
C LYS B 7 -53.35 -3.76 9.81
N VAL B 8 -53.49 -2.45 9.58
CA VAL B 8 -52.52 -1.74 8.75
C VAL B 8 -51.14 -1.85 9.36
N PHE B 9 -51.05 -1.81 10.69
CA PHE B 9 -49.75 -1.89 11.35
C PHE B 9 -49.09 -3.24 11.11
N ASP B 10 -49.76 -4.33 11.50
CA ASP B 10 -49.10 -5.62 11.33
C ASP B 10 -49.05 -6.05 9.87
N PHE B 11 -49.75 -5.35 8.99
CA PHE B 11 -49.60 -5.61 7.56
C PHE B 11 -48.35 -4.94 7.02
N TYR B 12 -48.04 -3.73 7.48
CA TYR B 12 -46.79 -3.11 7.08
C TYR B 12 -45.59 -3.87 7.62
N ALA B 13 -45.75 -4.56 8.74
CA ALA B 13 -44.69 -5.40 9.29
C ALA B 13 -44.68 -6.79 8.68
N SER B 14 -45.32 -6.98 7.53
CA SER B 14 -45.31 -8.28 6.88
C SER B 14 -43.98 -8.50 6.17
N GLN B 15 -43.51 -9.76 6.21
CA GLN B 15 -42.27 -10.10 5.53
C GLN B 15 -42.37 -9.81 4.04
N GLY B 16 -43.52 -10.11 3.44
CA GLY B 16 -43.69 -9.84 2.02
C GLY B 16 -43.72 -8.37 1.70
N VAL B 17 -44.36 -7.57 2.54
CA VAL B 17 -44.38 -6.13 2.33
C VAL B 17 -42.99 -5.54 2.49
N GLN B 18 -42.24 -6.01 3.49
CA GLN B 18 -40.90 -5.49 3.70
C GLN B 18 -39.96 -5.92 2.58
N TYR B 19 -40.15 -7.12 2.03
CA TYR B 19 -39.36 -7.54 0.89
C TYR B 19 -39.72 -6.77 -0.37
N PHE B 20 -41.00 -6.42 -0.53
CA PHE B 20 -41.37 -5.58 -1.67
C PHE B 20 -40.79 -4.18 -1.52
N THR B 21 -40.77 -3.65 -0.29
CA THR B 21 -40.17 -2.35 -0.07
C THR B 21 -38.66 -2.40 -0.31
N ALA B 22 -38.02 -3.52 0.04
CA ALA B 22 -36.61 -3.69 -0.25
C ALA B 22 -36.37 -3.76 -1.74
N PHE B 23 -37.24 -4.45 -2.48
CA PHE B 23 -37.14 -4.47 -3.93
C PHE B 23 -37.25 -3.05 -4.49
N LEU B 24 -38.17 -2.26 -3.95
CA LEU B 24 -38.33 -0.88 -4.39
C LEU B 24 -37.10 -0.03 -4.07
N ILE B 25 -36.53 -0.22 -2.89
CA ILE B 25 -35.33 0.50 -2.49
C ILE B 25 -34.18 0.18 -3.42
N VAL B 26 -33.95 -1.11 -3.66
CA VAL B 26 -32.84 -1.54 -4.51
C VAL B 26 -33.05 -1.05 -5.94
N SER B 27 -34.29 -1.10 -6.43
CA SER B 27 -34.54 -0.68 -7.81
C SER B 27 -34.42 0.83 -7.96
N ASN B 28 -34.75 1.59 -6.92
CA ASN B 28 -34.50 3.03 -6.96
C ASN B 28 -33.00 3.32 -6.97
N PHE B 29 -32.25 2.60 -6.14
CA PHE B 29 -30.80 2.75 -6.13
C PHE B 29 -30.21 2.43 -7.49
N ILE B 30 -30.68 1.36 -8.13
CA ILE B 30 -30.21 0.96 -9.44
C ILE B 30 -30.62 1.97 -10.49
N PHE B 31 -31.81 2.57 -10.34
CA PHE B 31 -32.23 3.63 -11.25
C PHE B 31 -31.30 4.83 -11.16
N ASN B 32 -30.83 5.17 -9.96
CA ASN B 32 -29.90 6.29 -9.81
C ASN B 32 -28.51 5.95 -10.36
N CYS B 33 -28.03 4.74 -10.06
CA CYS B 33 -26.77 4.27 -10.64
C CYS B 33 -26.83 4.29 -12.16
N ALA B 34 -27.96 3.84 -12.72
CA ALA B 34 -28.13 3.82 -14.16
C ALA B 34 -28.27 5.22 -14.75
N GLU B 35 -28.84 6.15 -14.00
CA GLU B 35 -28.86 7.54 -14.44
C GLU B 35 -27.45 8.08 -14.56
N LYS B 36 -26.60 7.80 -13.56
CA LYS B 36 -25.22 8.27 -13.61
C LYS B 36 -24.41 7.54 -14.68
N GLU B 37 -24.76 6.29 -14.98
CA GLU B 37 -24.03 5.54 -16.00
C GLU B 37 -24.40 5.98 -17.40
N TRP B 38 -25.69 6.12 -17.69
CA TRP B 38 -26.14 6.36 -19.05
C TRP B 38 -26.53 7.80 -19.34
N ASP B 39 -26.64 8.65 -18.31
CA ASP B 39 -26.96 10.07 -18.52
C ASP B 39 -26.34 10.92 -17.42
N PRO B 40 -25.00 10.96 -17.33
CA PRO B 40 -24.35 11.82 -16.36
C PRO B 40 -24.16 13.25 -16.82
N TYR B 41 -24.55 13.56 -18.05
CA TYR B 41 -24.30 14.85 -18.65
C TYR B 41 -25.15 15.93 -17.99
N THR B 42 -24.77 17.18 -18.23
CA THR B 42 -25.60 18.31 -17.81
C THR B 42 -26.81 18.45 -18.71
N ASP B 43 -26.57 18.48 -20.02
CA ASP B 43 -27.65 18.35 -20.99
C ASP B 43 -27.96 16.87 -21.09
N GLN B 44 -28.86 16.40 -20.23
CA GLN B 44 -29.27 15.01 -20.28
C GLN B 44 -30.00 14.72 -21.59
N LEU B 45 -29.90 13.47 -22.02
CA LEU B 45 -30.57 13.04 -23.23
C LEU B 45 -31.97 12.52 -22.94
N TYR B 46 -32.14 11.82 -21.83
CA TYR B 46 -33.44 11.33 -21.39
C TYR B 46 -33.73 11.94 -20.04
N GLN B 47 -34.14 13.21 -20.03
CA GLN B 47 -34.36 13.90 -18.76
C GLN B 47 -35.71 13.54 -18.16
N GLY B 48 -36.73 13.44 -19.01
CA GLY B 48 -38.04 13.03 -18.53
C GLY B 48 -38.01 11.67 -17.89
N LEU B 49 -37.19 10.76 -18.41
CA LEU B 49 -37.09 9.42 -17.84
C LEU B 49 -36.70 9.49 -16.37
N TRP B 50 -35.57 10.14 -16.07
CA TRP B 50 -35.12 10.23 -14.69
C TRP B 50 -36.09 11.04 -13.85
N ARG B 51 -36.60 12.14 -14.39
CA ARG B 51 -37.52 12.99 -13.65
C ARG B 51 -38.76 12.22 -13.21
N TRP B 52 -39.41 11.52 -14.14
CA TRP B 52 -40.66 10.85 -13.82
C TRP B 52 -40.44 9.53 -13.09
N GLY B 53 -39.32 8.84 -13.30
CA GLY B 53 -39.01 7.70 -12.44
C GLY B 53 -38.74 8.13 -11.01
N GLU B 54 -38.07 9.27 -10.85
CA GLU B 54 -37.92 9.88 -9.54
C GLU B 54 -39.28 10.18 -8.93
N PHE B 55 -40.17 10.80 -9.71
CA PHE B 55 -41.52 11.10 -9.23
C PHE B 55 -42.23 9.84 -8.76
N ALA B 56 -42.17 8.78 -9.58
CA ALA B 56 -42.89 7.54 -9.24
C ALA B 56 -42.32 6.89 -7.99
N PHE B 57 -40.99 6.81 -7.88
CA PHE B 57 -40.39 6.22 -6.70
C PHE B 57 -40.70 7.03 -5.46
N ASN B 58 -40.61 8.36 -5.54
CA ASN B 58 -40.94 9.20 -4.41
C ASN B 58 -42.40 9.05 -4.02
N THR B 59 -43.28 8.88 -5.00
CA THR B 59 -44.69 8.67 -4.71
C THR B 59 -44.88 7.38 -3.93
N MET B 60 -44.27 6.28 -4.39
CA MET B 60 -44.45 5.02 -3.69
C MET B 60 -43.85 5.06 -2.29
N PHE B 61 -42.72 5.76 -2.13
CA PHE B 61 -42.13 5.89 -0.80
C PHE B 61 -43.00 6.72 0.12
N LEU B 62 -43.58 7.82 -0.38
CA LEU B 62 -44.57 8.58 0.38
C LEU B 62 -45.74 7.71 0.79
N ILE B 63 -46.29 6.95 -0.15
CA ILE B 63 -47.47 6.14 0.12
C ILE B 63 -47.20 5.13 1.21
N GLU B 64 -46.09 4.41 1.12
CA GLU B 64 -45.86 3.37 2.11
C GLU B 64 -45.23 3.94 3.38
N LEU B 65 -44.76 5.19 3.35
CA LEU B 65 -44.50 5.87 4.61
C LEU B 65 -45.79 6.20 5.33
N LEU B 66 -46.80 6.65 4.59
CA LEU B 66 -48.11 6.90 5.21
C LEU B 66 -48.70 5.60 5.75
N ILE B 67 -48.52 4.50 5.02
CA ILE B 67 -48.96 3.20 5.52
C ILE B 67 -48.15 2.81 6.76
N ASN B 68 -46.88 3.17 6.79
CA ASN B 68 -46.05 2.96 7.97
C ASN B 68 -46.60 3.72 9.17
N PHE B 69 -46.71 5.03 8.94
CA PHE B 69 -47.15 6.02 9.91
C PHE B 69 -48.56 5.81 10.36
N TYR B 70 -49.34 5.08 9.58
CA TYR B 70 -50.68 4.80 10.02
C TYR B 70 -50.41 3.87 11.17
N GLY B 71 -49.64 2.81 10.96
CA GLY B 71 -49.33 1.90 12.05
C GLY B 71 -48.77 2.48 13.33
N ILE B 72 -47.97 3.55 13.27
CA ILE B 72 -47.42 4.13 14.50
C ILE B 72 -48.22 5.31 15.07
N ALA B 73 -49.30 5.62 14.36
CA ALA B 73 -50.40 6.60 14.63
C ALA B 73 -49.90 7.96 14.37
N PHE B 74 -49.11 8.02 13.32
CA PHE B 74 -48.40 9.19 12.94
C PHE B 74 -47.62 9.61 14.15
N CYS B 75 -47.50 8.75 15.21
CA CYS B 75 -46.67 9.30 16.28
C CYS B 75 -45.18 9.13 15.97
N PHE B 76 -44.78 7.89 15.69
CA PHE B 76 -43.41 7.51 15.34
C PHE B 76 -42.40 7.97 16.40
N TRP B 77 -42.88 8.44 17.54
CA TRP B 77 -41.99 8.65 18.68
C TRP B 77 -41.70 7.34 19.40
N ARG B 78 -42.74 6.53 19.60
CA ARG B 78 -42.63 5.38 20.49
C ARG B 78 -41.98 4.18 19.81
N TYR B 79 -42.41 3.86 18.59
CA TYR B 79 -41.97 2.65 17.92
C TYR B 79 -40.94 2.99 16.85
N ASN B 80 -39.73 2.46 17.03
CA ASN B 80 -38.69 2.50 16.00
C ASN B 80 -38.41 3.94 15.57
N TRP B 81 -37.98 4.75 16.53
CA TRP B 81 -37.88 6.17 16.24
C TRP B 81 -36.81 6.48 15.19
N ALA B 82 -35.61 5.93 15.33
CA ALA B 82 -34.49 6.37 14.50
C ALA B 82 -34.74 6.10 13.02
N TRP B 83 -35.11 4.87 12.69
CA TRP B 83 -35.41 4.54 11.31
C TRP B 83 -36.58 5.36 10.80
N ASN B 84 -37.57 5.61 11.64
CA ASN B 84 -38.76 6.33 11.20
C ASN B 84 -38.42 7.78 10.86
N THR B 85 -37.57 8.44 11.64
CA THR B 85 -37.20 9.81 11.27
C THR B 85 -36.25 9.81 10.08
N PHE B 86 -35.44 8.77 9.91
CA PHE B 86 -34.65 8.70 8.68
C PHE B 86 -35.55 8.59 7.45
N ASP B 87 -36.56 7.72 7.51
CA ASP B 87 -37.53 7.62 6.43
C ASP B 87 -38.27 8.94 6.23
N LEU B 88 -38.65 9.59 7.34
CA LEU B 88 -39.36 10.85 7.24
C LEU B 88 -38.52 11.91 6.55
N VAL B 89 -37.22 11.98 6.88
CA VAL B 89 -36.35 12.97 6.26
C VAL B 89 -36.19 12.67 4.78
N VAL B 90 -35.96 11.40 4.43
CA VAL B 90 -35.70 11.09 3.02
C VAL B 90 -36.95 11.32 2.18
N VAL B 91 -38.13 10.99 2.71
CA VAL B 91 -39.34 11.21 1.92
C VAL B 91 -39.76 12.67 1.97
N ALA B 92 -39.35 13.42 2.99
CA ALA B 92 -39.58 14.86 2.96
C ALA B 92 -38.77 15.51 1.87
N ILE B 93 -37.50 15.12 1.73
CA ILE B 93 -36.70 15.64 0.63
C ILE B 93 -37.23 15.12 -0.70
N GLY B 94 -37.80 13.92 -0.73
CA GLY B 94 -38.40 13.42 -1.96
C GLY B 94 -39.65 14.18 -2.36
N THR B 95 -40.46 14.59 -1.39
CA THR B 95 -41.62 15.40 -1.70
C THR B 95 -41.21 16.80 -2.10
N LEU B 96 -40.15 17.32 -1.47
CA LEU B 96 -39.50 18.53 -1.96
C LEU B 96 -39.08 18.36 -3.42
N THR B 97 -38.61 17.17 -3.79
CA THR B 97 -38.21 16.91 -5.16
C THR B 97 -39.42 16.88 -6.10
N MET B 98 -40.52 16.29 -5.65
CA MET B 98 -41.76 16.33 -6.44
C MET B 98 -42.20 17.78 -6.64
N ALA B 99 -42.06 18.60 -5.61
CA ALA B 99 -42.43 20.02 -5.72
C ALA B 99 -41.52 20.75 -6.70
N GLU B 100 -40.22 20.47 -6.67
CA GLU B 100 -39.32 21.02 -7.70
C GLU B 100 -39.70 20.54 -9.09
N ALA B 101 -40.15 19.29 -9.20
CA ALA B 101 -40.49 18.77 -10.52
C ALA B 101 -41.78 19.38 -11.04
N ILE B 102 -42.68 19.78 -10.15
CA ILE B 102 -43.97 20.30 -10.58
C ILE B 102 -43.97 21.82 -10.69
N GLY B 103 -43.73 22.51 -9.58
CA GLY B 103 -44.12 23.90 -9.48
C GLY B 103 -43.11 24.95 -9.07
N GLY B 104 -41.91 24.94 -9.63
CA GLY B 104 -41.04 26.11 -9.61
C GLY B 104 -39.80 25.91 -8.76
N ASN B 105 -38.94 26.91 -8.83
CA ASN B 105 -37.66 26.90 -8.11
C ASN B 105 -37.86 27.50 -6.73
N PHE B 106 -38.68 26.80 -5.94
CA PHE B 106 -38.81 27.11 -4.51
C PHE B 106 -37.58 26.66 -3.72
N MET B 107 -36.70 25.87 -4.33
CA MET B 107 -35.46 25.71 -3.59
C MET B 107 -34.36 26.59 -4.16
N PRO B 108 -33.61 27.28 -3.30
CA PRO B 108 -32.50 28.10 -3.79
C PRO B 108 -31.38 27.25 -4.35
N PRO B 109 -30.58 27.80 -5.27
CA PRO B 109 -29.49 27.01 -5.87
C PRO B 109 -28.34 26.71 -4.92
N SER B 110 -28.44 27.10 -3.64
CA SER B 110 -27.37 26.84 -2.67
C SER B 110 -27.54 25.48 -2.01
N MET B 111 -28.74 24.91 -2.09
CA MET B 111 -29.06 23.68 -1.37
C MET B 111 -29.25 22.49 -2.31
N ALA B 112 -28.40 22.32 -3.33
CA ALA B 112 -28.49 21.13 -4.17
C ALA B 112 -27.91 19.89 -3.49
N LEU B 113 -26.99 20.09 -2.55
CA LEU B 113 -26.46 18.94 -1.81
C LEU B 113 -27.53 18.23 -1.01
N ILE B 114 -28.69 18.85 -0.81
CA ILE B 114 -29.84 18.13 -0.29
C ILE B 114 -30.56 17.37 -1.41
N ARG B 115 -30.46 17.86 -2.66
CA ARG B 115 -31.02 17.11 -3.77
C ARG B 115 -30.18 15.88 -4.08
N ASN B 116 -28.95 15.84 -3.58
CA ASN B 116 -28.10 14.66 -3.77
C ASN B 116 -28.35 13.56 -2.76
N LEU B 117 -29.31 13.71 -1.84
CA LEU B 117 -29.52 12.75 -0.77
C LEU B 117 -30.25 11.49 -1.23
N ARG B 118 -30.63 11.40 -2.50
CA ARG B 118 -31.36 10.24 -2.98
C ARG B 118 -30.51 8.97 -2.88
N ALA B 119 -29.19 9.11 -3.04
CA ALA B 119 -28.31 7.96 -3.01
C ALA B 119 -28.36 7.24 -1.68
N PHE B 120 -28.78 7.93 -0.62
CA PHE B 120 -28.74 7.38 0.72
C PHE B 120 -30.04 6.71 1.13
N ARG B 121 -31.01 6.61 0.22
CA ARG B 121 -32.21 5.84 0.53
C ARG B 121 -31.89 4.36 0.64
N ILE B 122 -30.82 3.91 -0.02
CA ILE B 122 -30.42 2.51 0.02
C ILE B 122 -30.07 2.07 1.44
N PHE B 123 -29.80 3.00 2.34
CA PHE B 123 -29.53 2.64 3.72
C PHE B 123 -30.76 2.05 4.40
N ARG B 124 -31.95 2.32 3.88
CA ARG B 124 -33.15 1.70 4.41
C ARG B 124 -33.16 0.20 4.18
N LEU B 125 -32.41 -0.28 3.18
CA LEU B 125 -32.26 -1.71 2.96
C LEU B 125 -31.55 -2.38 4.12
N PHE B 126 -30.63 -1.69 4.78
CA PHE B 126 -29.94 -2.23 5.93
C PHE B 126 -30.89 -2.48 7.08
N LYS B 127 -32.11 -1.95 7.02
CA LYS B 127 -33.13 -2.29 7.99
C LYS B 127 -33.92 -3.54 7.59
N ARG B 128 -34.13 -3.74 6.29
CA ARG B 128 -34.91 -4.86 5.80
C ARG B 128 -34.14 -6.18 5.92
N ILE B 129 -32.87 -6.18 5.56
CA ILE B 129 -32.06 -7.38 5.54
C ILE B 129 -31.32 -7.49 6.87
N LYS B 130 -31.51 -8.61 7.57
CA LYS B 130 -30.96 -8.79 8.91
C LYS B 130 -29.45 -8.93 8.93
N SER B 131 -28.83 -9.36 7.83
CA SER B 131 -27.39 -9.53 7.80
C SER B 131 -26.67 -8.19 7.73
N LEU B 132 -27.07 -7.32 6.80
CA LEU B 132 -26.50 -5.99 6.72
C LEU B 132 -26.78 -5.22 8.01
N ASN B 133 -27.95 -5.45 8.60
CA ASN B 133 -28.26 -4.82 9.88
C ASN B 133 -27.31 -5.28 10.97
N LYS B 134 -27.02 -6.57 11.02
CA LYS B 134 -26.09 -7.09 12.02
C LYS B 134 -24.69 -6.58 11.82
N ILE B 135 -24.29 -6.31 10.58
CA ILE B 135 -22.94 -5.81 10.34
C ILE B 135 -22.85 -4.33 10.71
N ILE B 136 -23.84 -3.53 10.30
CA ILE B 136 -23.75 -2.10 10.59
C ILE B 136 -23.93 -1.84 12.08
N VAL B 137 -24.72 -2.66 12.78
CA VAL B 137 -24.84 -2.49 14.23
C VAL B 137 -23.51 -2.81 14.90
N SER B 138 -22.83 -3.85 14.43
CA SER B 138 -21.51 -4.16 14.98
C SER B 138 -20.52 -3.03 14.73
N LEU B 139 -20.51 -2.48 13.52
CA LEU B 139 -19.67 -1.32 13.21
C LEU B 139 -19.97 -0.16 14.17
N GLY B 140 -21.24 0.12 14.39
CA GLY B 140 -21.61 1.26 15.20
C GLY B 140 -21.27 1.08 16.66
N LYS B 141 -21.43 -0.13 17.18
CA LYS B 141 -21.04 -0.38 18.56
C LYS B 141 -19.54 -0.58 18.72
N ALA B 142 -18.78 -0.68 17.62
CA ALA B 142 -17.33 -0.71 17.71
C ALA B 142 -16.67 0.66 17.59
N ILE B 143 -17.28 1.61 16.86
CA ILE B 143 -16.65 2.93 16.68
C ILE B 143 -16.26 3.61 17.98
N PRO B 144 -17.10 3.66 19.02
CA PRO B 144 -16.68 4.30 20.26
C PRO B 144 -15.42 3.72 20.88
N GLY B 145 -15.12 2.45 20.65
CA GLY B 145 -13.86 1.90 21.11
C GLY B 145 -12.68 2.41 20.29
N VAL B 146 -12.88 2.57 18.99
CA VAL B 146 -11.86 3.16 18.13
C VAL B 146 -11.50 4.56 18.60
N ALA B 147 -12.48 5.29 19.13
CA ALA B 147 -12.35 6.71 19.50
C ALA B 147 -11.01 7.12 20.13
N ASN B 148 -10.54 6.38 21.13
CA ASN B 148 -9.38 6.81 21.90
C ASN B 148 -8.11 6.74 21.05
N ALA B 149 -7.83 5.57 20.49
CA ALA B 149 -6.68 5.42 19.61
C ALA B 149 -6.77 6.34 18.42
N PHE B 150 -7.99 6.62 17.95
CA PHE B 150 -8.15 7.57 16.85
C PHE B 150 -7.71 8.97 17.26
N VAL B 151 -8.10 9.42 18.46
CA VAL B 151 -7.73 10.76 18.87
C VAL B 151 -6.24 10.85 19.15
N ILE B 152 -5.62 9.77 19.62
CA ILE B 152 -4.16 9.75 19.76
C ILE B 152 -3.50 9.88 18.40
N MET B 153 -3.98 9.12 17.43
CA MET B 153 -3.53 9.23 16.06
C MET B 153 -3.63 10.66 15.54
N VAL B 154 -4.76 11.31 15.81
CA VAL B 154 -4.99 12.67 15.30
C VAL B 154 -4.07 13.66 15.99
N ILE B 155 -3.83 13.49 17.29
CA ILE B 155 -2.92 14.38 18.01
C ILE B 155 -1.51 14.27 17.44
N ILE B 156 -1.06 13.04 17.19
CA ILE B 156 0.29 12.86 16.66
C ILE B 156 0.39 13.41 15.24
N MET B 157 -0.63 13.18 14.42
CA MET B 157 -0.65 13.77 13.08
C MET B 157 -0.66 15.29 13.13
N CYS B 158 -1.30 15.86 14.16
CA CYS B 158 -1.37 17.31 14.28
C CYS B 158 -0.03 17.90 14.72
N ILE B 159 0.66 17.20 15.63
CA ILE B 159 2.02 17.59 15.99
C ILE B 159 2.91 17.57 14.75
N TYR B 160 2.85 16.49 13.99
CA TYR B 160 3.66 16.41 12.78
C TYR B 160 3.26 17.46 11.76
N ALA B 161 1.99 17.86 11.72
CA ALA B 161 1.58 18.90 10.79
C ALA B 161 2.10 20.26 11.21
N ILE B 162 2.10 20.53 12.52
CA ILE B 162 2.70 21.76 13.02
C ILE B 162 4.18 21.83 12.66
N LEU B 163 4.90 20.75 12.94
CA LEU B 163 6.32 20.70 12.62
C LEU B 163 6.56 20.78 11.12
N GLY B 164 5.68 20.16 10.33
CA GLY B 164 5.85 20.20 8.89
C GLY B 164 5.62 21.58 8.32
N VAL B 165 4.66 22.32 8.86
CA VAL B 165 4.47 23.70 8.43
C VAL B 165 5.67 24.54 8.84
N GLU B 166 6.20 24.30 10.03
CA GLU B 166 7.38 25.06 10.46
C GLU B 166 8.58 24.79 9.57
N PHE B 167 8.86 23.52 9.27
CA PHE B 167 10.07 23.16 8.53
C PHE B 167 9.91 23.40 7.03
N TYR B 168 8.87 22.85 6.43
CA TYR B 168 8.82 22.68 4.99
C TYR B 168 7.88 23.61 4.27
N HIS B 169 7.25 24.57 4.95
CA HIS B 169 6.27 25.41 4.26
C HIS B 169 6.91 26.33 3.23
N MET B 170 8.23 26.47 3.22
CA MET B 170 8.90 27.34 2.25
C MET B 170 9.91 26.59 1.41
N THR B 171 9.89 25.27 1.39
CA THR B 171 10.83 24.49 0.60
C THR B 171 10.52 24.65 -0.89
N GLY B 172 11.51 25.12 -1.65
CA GLY B 172 11.35 25.30 -3.07
C GLY B 172 10.51 26.49 -3.46
N SER B 173 10.43 27.50 -2.59
CA SER B 173 9.54 28.64 -2.83
C SER B 173 9.94 29.42 -4.07
N ASP B 174 11.22 29.45 -4.39
CA ASP B 174 11.71 30.03 -5.62
C ASP B 174 11.14 29.32 -6.85
N GLY B 175 10.48 28.19 -6.65
CA GLY B 175 10.08 27.32 -7.72
C GLY B 175 11.09 26.25 -8.05
N THR B 176 12.34 26.47 -7.65
CA THR B 176 13.42 25.52 -7.86
C THR B 176 14.11 25.27 -6.55
N TYR B 177 14.83 24.16 -6.46
CA TYR B 177 15.76 23.93 -5.37
C TYR B 177 17.03 23.30 -5.92
N VAL B 178 18.04 23.20 -5.07
CA VAL B 178 19.37 22.75 -5.45
C VAL B 178 19.64 21.40 -4.80
N THR B 179 20.23 20.50 -5.56
CA THR B 179 20.68 19.20 -5.07
C THR B 179 22.18 19.10 -5.34
N TYR B 180 22.85 18.17 -4.70
CA TYR B 180 24.30 18.14 -4.71
C TYR B 180 24.84 16.79 -5.15
N ASN B 181 25.81 16.83 -6.06
CA ASN B 181 26.44 15.67 -6.66
C ASN B 181 27.61 15.17 -5.85
N ASP B 182 28.10 14.01 -6.23
CA ASP B 182 29.44 13.54 -5.93
C ASP B 182 30.16 13.18 -7.21
N ASN B 183 29.99 14.01 -8.24
CA ASN B 183 30.46 13.67 -9.58
C ASN B 183 31.97 13.44 -9.61
N VAL B 184 32.72 14.19 -8.83
CA VAL B 184 34.17 14.03 -8.81
C VAL B 184 34.55 12.69 -8.19
N LYS B 185 34.08 12.42 -6.98
CA LYS B 185 34.44 11.19 -6.29
C LYS B 185 33.88 9.97 -6.99
N ARG B 186 32.84 10.15 -7.80
CA ARG B 186 32.26 9.04 -8.54
C ARG B 186 32.91 8.88 -9.92
N GLY B 187 33.99 9.61 -10.17
CA GLY B 187 34.73 9.45 -11.41
C GLY B 187 34.06 10.06 -12.62
N LEU B 188 32.86 10.58 -12.45
CA LEU B 188 32.12 11.14 -13.58
C LEU B 188 32.73 12.46 -14.04
N CYS B 189 33.59 13.05 -13.22
CA CYS B 189 34.30 14.26 -13.59
C CYS B 189 35.56 14.37 -12.74
N THR B 190 36.42 15.31 -13.13
CA THR B 190 37.62 15.64 -12.39
C THR B 190 37.40 16.93 -11.62
N GLY B 191 38.21 17.16 -10.59
CA GLY B 191 38.19 18.44 -9.92
C GLY B 191 38.55 19.60 -10.82
N ASP B 192 39.41 19.36 -11.82
CA ASP B 192 39.82 20.43 -12.73
C ASP B 192 38.65 20.95 -13.54
N GLU B 193 37.80 20.05 -14.06
CA GLU B 193 36.68 20.51 -14.88
C GLU B 193 35.58 21.11 -14.02
N VAL B 194 35.53 20.76 -12.73
CA VAL B 194 34.61 21.45 -11.83
C VAL B 194 35.08 22.88 -11.59
N GLU B 195 36.38 23.06 -11.31
CA GLU B 195 36.90 24.40 -11.10
C GLU B 195 36.93 25.20 -12.39
N LEU B 196 36.90 24.53 -13.54
CA LEU B 196 37.00 25.24 -14.81
C LEU B 196 35.65 25.81 -15.22
N GLY B 197 34.56 25.11 -14.92
CA GLY B 197 33.24 25.57 -15.31
C GLY B 197 32.61 24.69 -16.37
N GLN B 198 33.14 23.48 -16.53
CA GLN B 198 32.64 22.56 -17.54
C GLN B 198 31.56 21.64 -16.98
N CYS B 199 31.72 21.19 -15.75
CA CYS B 199 30.66 20.48 -15.05
C CYS B 199 30.49 21.09 -13.67
N SER B 200 29.53 20.57 -12.91
CA SER B 200 29.17 21.16 -11.63
C SER B 200 28.82 20.08 -10.62
N LEU B 201 28.91 20.43 -9.34
CA LEU B 201 28.55 19.52 -8.27
C LEU B 201 27.17 19.79 -7.69
N ASN B 202 26.39 20.65 -8.33
CA ASN B 202 25.03 20.91 -7.91
C ASN B 202 24.12 21.02 -9.13
N GLN B 203 22.86 20.69 -8.95
CA GLN B 203 21.85 20.76 -10.00
C GLN B 203 20.65 21.52 -9.48
N THR B 204 20.11 22.41 -10.32
CA THR B 204 18.89 23.16 -9.98
C THR B 204 17.66 22.37 -10.45
N VAL B 205 16.86 21.97 -9.47
CA VAL B 205 15.68 21.17 -9.76
C VAL B 205 14.43 22.00 -9.51
N SER B 206 13.45 21.90 -10.41
CA SER B 206 12.20 22.62 -10.26
C SER B 206 11.35 22.00 -9.16
N SER B 207 10.72 22.87 -8.37
CA SER B 207 9.93 22.46 -7.22
C SER B 207 8.44 22.44 -7.48
N GLU B 208 8.01 22.82 -8.68
CA GLU B 208 6.58 22.92 -8.97
C GLU B 208 5.93 21.55 -9.02
N THR B 209 4.77 21.44 -8.39
CA THR B 209 4.01 20.21 -8.41
C THR B 209 3.11 20.16 -9.64
N ALA B 210 2.35 19.08 -9.76
CA ALA B 210 1.41 18.91 -10.86
C ALA B 210 0.20 19.80 -10.74
N ARG B 211 0.02 20.39 -9.57
CA ARG B 211 -1.08 21.24 -9.35
C ARG B 211 -0.73 22.72 -9.40
N GLY B 212 0.44 23.05 -9.94
CA GLY B 212 0.87 24.41 -10.20
C GLY B 212 1.58 25.08 -9.06
N TYR B 213 1.63 24.43 -7.91
CA TYR B 213 2.30 24.98 -6.76
C TYR B 213 3.73 24.52 -6.66
N THR B 214 4.51 25.20 -5.84
CA THR B 214 5.87 24.77 -5.53
C THR B 214 5.74 23.72 -4.42
N TYR B 215 6.78 22.96 -4.18
CA TYR B 215 6.66 21.87 -3.22
C TYR B 215 6.26 22.23 -1.82
N GLY B 216 6.86 23.26 -1.23
CA GLY B 216 6.53 23.64 0.12
C GLY B 216 5.13 24.14 0.31
N GLU B 217 4.65 24.97 -0.61
CA GLU B 217 3.29 25.52 -0.52
C GLU B 217 2.20 24.50 -0.64
N GLU B 218 2.38 23.58 -1.59
CA GLU B 218 1.42 22.53 -1.89
C GLU B 218 1.27 21.48 -0.79
N TYR B 219 2.37 21.14 -0.12
CA TYR B 219 2.30 20.14 0.94
C TYR B 219 2.24 20.64 2.37
N TYR B 220 2.99 21.70 2.64
CA TYR B 220 3.09 22.25 3.97
C TYR B 220 2.85 23.72 4.04
N GLY B 221 2.09 24.25 3.09
CA GLY B 221 1.81 25.65 3.04
C GLY B 221 1.05 26.13 4.26
N THR B 222 0.07 25.35 4.73
CA THR B 222 -0.75 25.67 5.89
C THR B 222 -0.91 24.44 6.77
N PHE B 223 -1.61 24.55 7.89
CA PHE B 223 -1.79 23.44 8.81
C PHE B 223 -2.69 22.36 8.25
N PHE B 224 -3.77 22.74 7.56
CA PHE B 224 -4.67 21.73 7.02
C PHE B 224 -4.11 21.11 5.74
N ARG B 225 -3.33 21.85 4.98
CA ARG B 225 -2.56 21.24 3.91
C ARG B 225 -1.59 20.20 4.43
N ALA B 226 -0.87 20.53 5.50
CA ALA B 226 0.07 19.58 6.07
C ALA B 226 -0.64 18.38 6.68
N LEU B 227 -1.81 18.59 7.26
CA LEU B 227 -2.59 17.50 7.82
C LEU B 227 -3.10 16.57 6.74
N TYR B 228 -3.54 17.12 5.62
CA TYR B 228 -3.92 16.31 4.47
C TYR B 228 -2.73 15.53 3.93
N THR B 229 -1.58 16.20 3.81
CA THR B 229 -0.36 15.54 3.35
C THR B 229 0.03 14.39 4.26
N LEU B 230 -0.13 14.57 5.58
CA LEU B 230 0.22 13.49 6.49
C LEU B 230 -0.79 12.37 6.49
N PHE B 231 -2.06 12.66 6.17
CA PHE B 231 -3.01 11.58 5.93
C PHE B 231 -2.62 10.79 4.69
N GLN B 232 -2.21 11.48 3.64
CA GLN B 232 -1.75 10.81 2.43
C GLN B 232 -0.53 9.94 2.71
N VAL B 233 0.44 10.46 3.48
CA VAL B 233 1.60 9.69 3.87
C VAL B 233 1.19 8.53 4.77
N LEU B 234 0.21 8.68 5.63
CA LEU B 234 -0.26 7.59 6.48
C LEU B 234 -0.70 6.41 5.65
N THR B 235 -1.40 6.67 4.56
CA THR B 235 -1.81 5.62 3.64
C THR B 235 -0.62 5.03 2.90
N GLY B 236 0.42 5.82 2.66
CA GLY B 236 1.57 5.34 1.91
C GLY B 236 1.58 5.84 0.50
N GLU B 237 0.67 6.72 0.17
CA GLU B 237 0.57 7.22 -1.18
C GLU B 237 1.64 8.20 -1.61
N SER B 238 2.49 7.82 -2.54
CA SER B 238 3.54 8.65 -3.13
C SER B 238 4.30 9.45 -2.09
N TRP B 239 4.41 8.87 -0.88
CA TRP B 239 4.96 9.64 0.23
C TRP B 239 6.44 9.94 0.06
N SER B 240 7.17 9.16 -0.73
CA SER B 240 8.59 9.37 -0.94
C SER B 240 8.87 10.20 -2.20
N GLU B 241 8.33 9.78 -3.34
CA GLU B 241 8.73 10.38 -4.60
C GLU B 241 8.23 11.81 -4.73
N ALA B 242 7.06 12.12 -4.18
CA ALA B 242 6.48 13.46 -4.30
C ALA B 242 6.68 14.30 -3.05
N VAL B 243 6.76 13.68 -1.87
CA VAL B 243 6.79 14.42 -0.62
C VAL B 243 8.17 14.32 0.04
N ALA B 244 8.56 13.12 0.46
CA ALA B 244 9.72 12.97 1.33
C ALA B 244 11.02 13.29 0.60
N ARG B 245 11.23 12.69 -0.58
CA ARG B 245 12.52 12.80 -1.23
C ARG B 245 12.92 14.22 -1.63
N PRO B 246 12.01 15.08 -2.12
CA PRO B 246 12.45 16.47 -2.36
C PRO B 246 12.99 17.16 -1.13
N ALA B 247 12.35 16.98 0.02
CA ALA B 247 12.85 17.56 1.26
C ALA B 247 14.15 16.90 1.70
N VAL B 248 14.25 15.58 1.53
CA VAL B 248 15.43 14.83 1.95
C VAL B 248 16.66 15.28 1.17
N PHE B 249 16.54 15.44 -0.14
CA PHE B 249 17.68 15.80 -0.97
C PHE B 249 17.83 17.29 -1.17
N GLU B 250 16.86 18.09 -0.74
CA GLU B 250 17.07 19.52 -0.71
C GLU B 250 18.07 19.89 0.37
N SER B 251 18.06 19.15 1.47
CA SER B 251 19.08 19.29 2.51
C SER B 251 20.40 18.76 2.01
N HIS B 252 21.39 19.63 1.92
CA HIS B 252 22.70 19.22 1.44
C HIS B 252 23.28 18.12 2.32
N TYR B 253 23.52 18.44 3.59
CA TYR B 253 24.08 17.50 4.54
C TYR B 253 23.18 17.21 5.71
N ASP B 254 22.08 17.95 5.87
CA ASP B 254 21.16 17.78 6.99
C ASP B 254 20.03 16.82 6.66
N SER B 255 20.28 15.90 5.73
CA SER B 255 19.25 15.00 5.24
C SER B 255 18.63 14.15 6.33
N PHE B 256 19.28 14.00 7.48
CA PHE B 256 18.71 13.22 8.56
C PHE B 256 17.43 13.86 9.10
N GLY B 257 17.29 15.17 8.94
CA GLY B 257 16.13 15.88 9.42
C GLY B 257 14.85 15.41 8.76
N PRO B 258 14.70 15.64 7.46
CA PRO B 258 13.52 15.14 6.76
C PRO B 258 13.41 13.63 6.77
N VAL B 259 14.53 12.92 6.62
CA VAL B 259 14.50 11.46 6.65
C VAL B 259 13.87 10.98 7.96
N LEU B 260 14.30 11.55 9.08
CA LEU B 260 13.81 11.10 10.37
C LEU B 260 12.38 11.56 10.61
N PHE B 261 12.04 12.76 10.15
CA PHE B 261 10.65 13.21 10.13
C PHE B 261 9.74 12.16 9.51
N TYR B 262 10.00 11.81 8.26
CA TYR B 262 9.11 10.91 7.54
C TYR B 262 9.21 9.47 8.05
N VAL B 263 10.41 9.01 8.39
CA VAL B 263 10.57 7.64 8.84
C VAL B 263 9.89 7.45 10.18
N SER B 264 10.09 8.38 11.12
CA SER B 264 9.43 8.29 12.41
C SER B 264 7.92 8.37 12.26
N PHE B 265 7.41 9.25 11.41
CA PHE B 265 5.98 9.35 11.21
C PHE B 265 5.45 8.02 10.71
N ILE B 266 6.05 7.51 9.64
CA ILE B 266 5.63 6.22 9.10
C ILE B 266 5.74 5.14 10.15
N ILE B 267 6.86 5.06 10.85
CA ILE B 267 6.99 4.05 11.85
C ILE B 267 5.99 4.20 12.99
N ILE B 268 5.67 5.42 13.39
CA ILE B 268 4.72 5.64 14.48
C ILE B 268 3.27 5.65 14.04
N CYS B 269 2.96 6.52 13.09
CA CYS B 269 1.59 6.68 12.63
C CYS B 269 1.08 5.59 11.74
N GLN B 270 1.91 5.11 10.82
CA GLN B 270 1.54 3.99 9.95
C GLN B 270 1.83 2.50 10.15
N ILE B 271 3.01 2.03 10.49
CA ILE B 271 3.31 0.72 11.18
C ILE B 271 2.78 0.32 12.63
N VAL B 272 2.52 1.28 13.53
CA VAL B 272 2.00 1.05 14.87
C VAL B 272 0.56 1.54 15.23
N LEU B 273 0.21 2.79 14.94
CA LEU B 273 -1.08 3.36 15.34
C LEU B 273 -2.21 2.87 14.44
N ILE B 274 -2.00 2.80 13.12
CA ILE B 274 -3.08 2.27 12.29
C ILE B 274 -3.39 0.84 12.68
N ASN B 275 -2.35 0.03 12.96
CA ASN B 275 -2.65 -1.35 13.28
C ASN B 275 -3.32 -1.47 14.66
N VAL B 276 -3.02 -0.59 15.60
CA VAL B 276 -3.73 -0.63 16.88
C VAL B 276 -5.18 -0.20 16.70
N VAL B 277 -5.42 0.84 15.89
CA VAL B 277 -6.79 1.30 15.67
C VAL B 277 -7.63 0.19 15.04
N VAL B 278 -7.10 -0.43 13.99
CA VAL B 278 -7.84 -1.50 13.32
C VAL B 278 -7.98 -2.72 14.23
N ALA B 279 -6.99 -2.98 15.08
CA ALA B 279 -7.11 -4.10 16.01
C ALA B 279 -8.23 -3.87 17.01
N VAL B 280 -8.34 -2.66 17.55
CA VAL B 280 -9.43 -2.34 18.46
C VAL B 280 -10.77 -2.44 17.75
N LEU B 281 -10.87 -1.88 16.54
CA LEU B 281 -12.07 -2.00 15.73
C LEU B 281 -12.52 -3.45 15.60
N LEU B 282 -11.62 -4.32 15.11
CA LEU B 282 -12.00 -5.70 14.85
C LEU B 282 -12.25 -6.48 16.14
N ASP B 283 -11.58 -6.14 17.24
CA ASP B 283 -11.87 -6.81 18.50
C ASP B 283 -13.28 -6.50 18.98
N LYS B 284 -13.66 -5.23 18.92
CA LYS B 284 -15.01 -4.86 19.34
C LYS B 284 -16.05 -5.48 18.42
N MET B 285 -15.73 -5.62 17.12
CA MET B 285 -16.66 -6.31 16.21
C MET B 285 -16.79 -7.79 16.54
N VAL B 286 -15.67 -8.47 16.84
CA VAL B 286 -15.71 -9.91 17.01
C VAL B 286 -16.26 -10.30 18.38
N GLU B 287 -16.31 -9.35 19.32
CA GLU B 287 -17.08 -9.64 20.54
C GLU B 287 -18.45 -8.95 20.48
N GLU B 288 -18.70 -8.18 19.42
CA GLU B 288 -20.07 -7.98 18.94
C GLU B 288 -20.59 -9.24 18.26
N ASP B 289 -19.70 -10.14 17.84
CA ASP B 289 -20.12 -11.35 17.17
C ASP B 289 -20.81 -12.32 18.12
N TRP C 1 40.49 -38.54 20.99
CA TRP C 1 40.47 -37.18 21.50
C TRP C 1 41.88 -36.66 21.76
N LEU C 2 42.12 -35.44 21.29
CA LEU C 2 43.41 -34.78 21.49
C LEU C 2 43.62 -34.48 22.97
N PRO C 3 44.87 -34.30 23.40
CA PRO C 3 45.13 -34.22 24.86
C PRO C 3 44.45 -33.04 25.53
N HIS C 4 44.72 -31.81 25.08
CA HIS C 4 44.20 -30.62 25.74
C HIS C 4 42.97 -30.07 25.04
N GLN C 5 42.11 -30.97 24.55
CA GLN C 5 40.92 -30.61 23.77
C GLN C 5 39.65 -30.28 24.54
N ARG C 6 39.49 -30.90 25.70
CA ARG C 6 38.30 -30.66 26.51
C ARG C 6 38.21 -29.22 26.98
N LYS C 7 39.33 -28.68 27.45
CA LYS C 7 39.30 -27.34 28.04
C LYS C 7 39.19 -26.26 26.97
N VAL C 8 39.86 -26.45 25.82
CA VAL C 8 39.64 -25.55 24.69
C VAL C 8 38.19 -25.59 24.26
N PHE C 9 37.56 -26.77 24.33
CA PHE C 9 36.17 -26.90 23.92
C PHE C 9 35.26 -26.10 24.84
N ASP C 10 35.27 -26.40 26.13
CA ASP C 10 34.33 -25.68 27.00
C ASP C 10 34.76 -24.23 27.22
N PHE C 11 35.97 -23.86 26.81
CA PHE C 11 36.35 -22.45 26.83
C PHE C 11 35.76 -21.71 25.65
N TYR C 12 35.73 -22.34 24.47
CA TYR C 12 35.06 -21.70 23.34
C TYR C 12 33.56 -21.58 23.57
N ALA C 13 32.99 -22.47 24.37
CA ALA C 13 31.58 -22.38 24.74
C ALA C 13 31.34 -21.45 25.92
N SER C 14 32.31 -20.60 26.26
CA SER C 14 32.11 -19.67 27.36
C SER C 14 31.22 -18.52 26.93
N GLN C 15 30.39 -18.05 27.86
CA GLN C 15 29.52 -16.92 27.58
C GLN C 15 30.33 -15.69 27.21
N GLY C 16 31.44 -15.46 27.91
CA GLY C 16 32.27 -14.31 27.59
C GLY C 16 32.94 -14.42 26.25
N VAL C 17 33.39 -15.61 25.88
CA VAL C 17 34.00 -15.80 24.57
C VAL C 17 32.97 -15.62 23.47
N GLN C 18 31.75 -16.14 23.68
CA GLN C 18 30.72 -16.00 22.66
C GLN C 18 30.26 -14.56 22.54
N TYR C 19 30.24 -13.82 23.65
CA TYR C 19 29.91 -12.40 23.59
C TYR C 19 31.01 -11.61 22.91
N PHE C 20 32.26 -11.98 23.12
CA PHE C 20 33.35 -11.31 22.41
C PHE C 20 33.29 -11.60 20.91
N THR C 21 32.94 -12.85 20.55
CA THR C 21 32.77 -13.18 19.14
C THR C 21 31.60 -12.42 18.54
N ALA C 22 30.53 -12.24 19.32
CA ALA C 22 29.42 -11.44 18.84
C ALA C 22 29.82 -9.99 18.65
N PHE C 23 30.61 -9.44 19.57
CA PHE C 23 31.14 -8.09 19.39
C PHE C 23 31.95 -8.00 18.11
N LEU C 24 32.77 -9.01 17.83
CA LEU C 24 33.57 -9.03 16.62
C LEU C 24 32.69 -9.11 15.37
N ILE C 25 31.65 -9.94 15.41
CA ILE C 25 30.73 -10.08 14.29
C ILE C 25 30.04 -8.75 14.00
N VAL C 26 29.50 -8.12 15.05
CA VAL C 26 28.79 -6.86 14.88
C VAL C 26 29.73 -5.77 14.40
N SER C 27 30.97 -5.75 14.91
CA SER C 27 31.89 -4.70 14.50
C SER C 27 32.38 -4.91 13.08
N ASN C 28 32.48 -6.17 12.63
CA ASN C 28 32.79 -6.42 11.22
C ASN C 28 31.64 -5.97 10.32
N PHE C 29 30.40 -6.27 10.74
CA PHE C 29 29.24 -5.81 10.00
C PHE C 29 29.21 -4.29 9.90
N ILE C 30 29.50 -3.61 11.01
CA ILE C 30 29.51 -2.15 11.04
C ILE C 30 30.65 -1.62 10.19
N PHE C 31 31.80 -2.32 10.16
CA PHE C 31 32.90 -1.93 9.31
C PHE C 31 32.50 -2.00 7.83
N ASN C 32 31.70 -3.01 7.45
CA ASN C 32 31.25 -3.11 6.07
C ASN C 32 30.21 -2.05 5.73
N CYS C 33 29.25 -1.83 6.64
CA CYS C 33 28.29 -0.75 6.48
C CYS C 33 28.99 0.59 6.33
N ALA C 34 30.01 0.82 7.15
CA ALA C 34 30.76 2.07 7.11
C ALA C 34 31.59 2.19 5.84
N GLU C 35 32.08 1.06 5.32
CA GLU C 35 32.77 1.09 4.04
C GLU C 35 31.82 1.54 2.93
N LYS C 36 30.59 1.00 2.93
CA LYS C 36 29.61 1.41 1.93
C LYS C 36 29.14 2.83 2.14
N GLU C 37 29.12 3.32 3.37
CA GLU C 37 28.68 4.68 3.65
C GLU C 37 29.74 5.71 3.26
N TRP C 38 30.99 5.48 3.65
CA TRP C 38 32.02 6.50 3.49
C TRP C 38 32.97 6.24 2.32
N ASP C 39 32.92 5.06 1.70
CA ASP C 39 33.76 4.76 0.54
C ASP C 39 33.07 3.76 -0.37
N PRO C 40 31.94 4.14 -0.97
CA PRO C 40 31.27 3.25 -1.92
C PRO C 40 31.80 3.36 -3.33
N TYR C 41 32.76 4.25 -3.57
CA TYR C 41 33.24 4.54 -4.90
C TYR C 41 34.05 3.37 -5.46
N THR C 42 34.27 3.40 -6.76
CA THR C 42 35.17 2.43 -7.39
C THR C 42 36.61 2.79 -7.10
N ASP C 43 36.98 4.05 -7.35
CA ASP C 43 38.25 4.58 -6.87
C ASP C 43 38.04 4.96 -5.42
N GLN C 44 38.26 3.99 -4.53
CA GLN C 44 38.15 4.26 -3.11
C GLN C 44 39.21 5.26 -2.67
N LEU C 45 38.87 6.02 -1.64
CA LEU C 45 39.81 7.00 -1.08
C LEU C 45 40.67 6.38 0.00
N TYR C 46 40.10 5.50 0.82
CA TYR C 46 40.85 4.79 1.85
C TYR C 46 40.72 3.31 1.56
N GLN C 47 41.50 2.83 0.58
CA GLN C 47 41.39 1.43 0.19
C GLN C 47 42.15 0.52 1.14
N GLY C 48 43.33 0.95 1.57
CA GLY C 48 44.08 0.18 2.54
C GLY C 48 43.32 -0.03 3.83
N LEU C 49 42.54 0.95 4.24
CA LEU C 49 41.75 0.82 5.46
C LEU C 49 40.83 -0.39 5.38
N TRP C 50 39.98 -0.43 4.36
CA TRP C 50 39.05 -1.54 4.21
C TRP C 50 39.79 -2.84 3.98
N ARG C 51 40.83 -2.82 3.15
CA ARG C 51 41.57 -4.04 2.85
C ARG C 51 42.17 -4.66 4.10
N TRP C 52 42.86 -3.86 4.92
CA TRP C 52 43.54 -4.40 6.09
C TRP C 52 42.60 -4.65 7.26
N GLY C 53 41.51 -3.88 7.38
CA GLY C 53 40.50 -4.25 8.36
C GLY C 53 39.82 -5.56 8.01
N GLU C 54 39.57 -5.77 6.72
CA GLU C 54 39.11 -7.07 6.23
C GLU C 54 40.10 -8.17 6.59
N PHE C 55 41.38 -7.93 6.34
CA PHE C 55 42.42 -8.90 6.67
C PHE C 55 42.39 -9.23 8.16
N ALA C 56 42.31 -8.21 9.02
CA ALA C 56 42.34 -8.44 10.45
C ALA C 56 41.11 -9.19 10.94
N PHE C 57 39.93 -8.81 10.46
CA PHE C 57 38.72 -9.51 10.85
C PHE C 57 38.74 -10.96 10.39
N ASN C 58 39.16 -11.19 9.14
CA ASN C 58 39.25 -12.55 8.63
C ASN C 58 40.26 -13.37 9.42
N THR C 59 41.36 -12.74 9.84
CA THR C 59 42.33 -13.44 10.66
C THR C 59 41.72 -13.87 11.99
N MET C 60 41.03 -12.96 12.67
CA MET C 60 40.44 -13.32 13.96
C MET C 60 39.36 -14.38 13.80
N PHE C 61 38.59 -14.32 12.71
CA PHE C 61 37.58 -15.35 12.47
C PHE C 61 38.21 -16.70 12.18
N LEU C 62 39.29 -16.73 11.39
CA LEU C 62 40.05 -17.97 11.20
C LEU C 62 40.57 -18.51 12.52
N ILE C 63 41.16 -17.65 13.35
CA ILE C 63 41.77 -18.09 14.59
C ILE C 63 40.72 -18.72 15.51
N GLU C 64 39.58 -18.05 15.68
CA GLU C 64 38.61 -18.61 16.62
C GLU C 64 37.74 -19.68 15.97
N LEU C 65 37.79 -19.82 14.64
CA LEU C 65 37.28 -21.05 14.04
C LEU C 65 38.18 -22.23 14.35
N LEU C 66 39.49 -22.02 14.31
CA LEU C 66 40.40 -23.10 14.69
C LEU C 66 40.22 -23.45 16.16
N ILE C 67 40.00 -22.44 17.00
CA ILE C 67 39.71 -22.70 18.41
C ILE C 67 38.39 -23.43 18.55
N ASN C 68 37.42 -23.12 17.69
CA ASN C 68 36.16 -23.84 17.64
C ASN C 68 36.39 -25.31 17.31
N PHE C 69 37.19 -25.58 16.28
CA PHE C 69 37.35 -26.93 15.77
C PHE C 69 38.23 -27.78 16.66
N TYR C 70 39.18 -27.17 17.38
CA TYR C 70 40.03 -27.96 18.26
C TYR C 70 39.23 -28.59 19.38
N GLY C 71 38.09 -28.00 19.74
CA GLY C 71 37.28 -28.57 20.79
C GLY C 71 36.40 -29.72 20.36
N ILE C 72 36.23 -29.90 19.06
CA ILE C 72 35.38 -30.97 18.54
C ILE C 72 36.22 -31.95 17.73
N ALA C 73 37.53 -31.95 17.99
CA ALA C 73 38.50 -32.81 17.31
C ALA C 73 38.54 -32.58 15.81
N PHE C 74 38.28 -31.34 15.37
CA PHE C 74 38.29 -30.94 13.97
C PHE C 74 37.28 -31.70 13.13
N CYS C 75 36.33 -32.37 13.76
CA CYS C 75 35.37 -33.20 13.03
C CYS C 75 34.20 -32.37 12.53
N PHE C 76 33.54 -31.65 13.44
CA PHE C 76 32.41 -30.76 13.17
C PHE C 76 31.28 -31.49 12.44
N TRP C 77 31.37 -32.82 12.33
CA TRP C 77 30.21 -33.59 11.88
C TRP C 77 29.22 -33.78 13.02
N ARG C 78 29.72 -34.11 14.21
CA ARG C 78 28.85 -34.58 15.28
C ARG C 78 28.19 -33.43 16.02
N TYR C 79 28.95 -32.40 16.36
CA TYR C 79 28.45 -31.32 17.21
C TYR C 79 28.14 -30.10 16.36
N ASN C 80 26.87 -29.69 16.34
CA ASN C 80 26.45 -28.42 15.77
C ASN C 80 26.89 -28.31 14.31
N TRP C 81 26.41 -29.23 13.50
CA TRP C 81 26.94 -29.33 12.14
C TRP C 81 26.59 -28.09 11.31
N ALA C 82 25.33 -27.65 11.31
CA ALA C 82 24.90 -26.63 10.35
C ALA C 82 25.64 -25.32 10.56
N TRP C 83 25.66 -24.82 11.79
CA TRP C 83 26.38 -23.59 12.07
C TRP C 83 27.87 -23.74 11.78
N ASN C 84 28.42 -24.93 12.06
CA ASN C 84 29.85 -25.12 11.85
C ASN C 84 30.22 -25.07 10.38
N THR C 85 29.40 -25.66 9.50
CA THR C 85 29.72 -25.55 8.08
C THR C 85 29.42 -24.16 7.55
N PHE C 86 28.46 -23.44 8.14
CA PHE C 86 28.29 -22.05 7.74
C PHE C 86 29.53 -21.23 8.09
N ASP C 87 30.04 -21.40 9.31
CA ASP C 87 31.29 -20.73 9.70
C ASP C 87 32.43 -21.15 8.81
N LEU C 88 32.52 -22.45 8.50
CA LEU C 88 33.59 -22.94 7.64
C LEU C 88 33.53 -22.30 6.27
N VAL C 89 32.33 -22.18 5.69
CA VAL C 89 32.21 -21.57 4.37
C VAL C 89 32.59 -20.10 4.41
N VAL C 90 32.11 -19.38 5.43
CA VAL C 90 32.37 -17.93 5.47
C VAL C 90 33.86 -17.67 5.70
N VAL C 91 34.51 -18.47 6.55
CA VAL C 91 35.94 -18.23 6.78
C VAL C 91 36.78 -18.80 5.64
N ALA C 92 36.26 -19.78 4.90
CA ALA C 92 36.96 -20.21 3.70
C ALA C 92 36.97 -19.12 2.65
N ILE C 93 35.82 -18.45 2.46
CA ILE C 93 35.79 -17.32 1.54
C ILE C 93 36.62 -16.15 2.10
N GLY C 94 36.70 -16.02 3.43
CA GLY C 94 37.55 -14.99 3.99
C GLY C 94 39.02 -15.25 3.80
N THR C 95 39.43 -16.52 3.88
CA THR C 95 40.82 -16.86 3.60
C THR C 95 41.12 -16.72 2.12
N LEU C 96 40.16 -17.06 1.28
CA LEU C 96 40.24 -16.70 -0.14
C LEU C 96 40.43 -15.20 -0.32
N THR C 97 39.79 -14.40 0.53
CA THR C 97 39.94 -12.95 0.46
C THR C 97 41.33 -12.52 0.89
N MET C 98 41.86 -13.14 1.94
CA MET C 98 43.25 -12.87 2.34
C MET C 98 44.21 -13.22 1.21
N ALA C 99 43.94 -14.31 0.50
CA ALA C 99 44.78 -14.71 -0.62
C ALA C 99 44.69 -13.70 -1.76
N GLU C 100 43.49 -13.21 -2.06
CA GLU C 100 43.36 -12.12 -3.03
C GLU C 100 44.09 -10.88 -2.58
N ALA C 101 44.09 -10.60 -1.28
CA ALA C 101 44.75 -9.39 -0.80
C ALA C 101 46.26 -9.53 -0.86
N ILE C 102 46.78 -10.75 -0.75
CA ILE C 102 48.22 -10.93 -0.72
C ILE C 102 48.79 -11.23 -2.09
N GLY C 103 48.36 -12.33 -2.71
CA GLY C 103 49.13 -12.92 -3.79
C GLY C 103 48.47 -13.21 -5.13
N GLY C 104 47.70 -12.29 -5.67
CA GLY C 104 47.37 -12.32 -7.08
C GLY C 104 45.91 -12.61 -7.34
N ASN C 105 45.55 -12.51 -8.62
CA ASN C 105 44.16 -12.72 -9.08
C ASN C 105 43.96 -14.19 -9.39
N PHE C 106 44.08 -15.00 -8.34
CA PHE C 106 43.69 -16.40 -8.42
C PHE C 106 42.17 -16.59 -8.45
N MET C 107 41.41 -15.51 -8.18
CA MET C 107 40.00 -15.72 -8.47
C MET C 107 39.63 -15.06 -9.79
N PRO C 108 38.88 -15.75 -10.65
CA PRO C 108 38.44 -15.15 -11.91
C PRO C 108 37.43 -14.03 -11.66
N PRO C 109 37.35 -13.07 -12.58
CA PRO C 109 36.41 -11.95 -12.39
C PRO C 109 34.94 -12.33 -12.51
N SER C 110 34.62 -13.62 -12.69
CA SER C 110 33.23 -14.05 -12.81
C SER C 110 32.62 -14.35 -11.45
N MET C 111 33.46 -14.54 -10.44
CA MET C 111 33.01 -14.98 -9.13
C MET C 111 33.16 -13.89 -8.06
N ALA C 112 32.80 -12.64 -8.36
CA ALA C 112 32.83 -11.60 -7.34
C ALA C 112 31.63 -11.69 -6.41
N LEU C 113 30.52 -12.27 -6.87
CA LEU C 113 29.37 -12.45 -5.99
C LEU C 113 29.69 -13.36 -4.81
N ILE C 114 30.80 -14.09 -4.87
CA ILE C 114 31.29 -14.77 -3.68
C ILE C 114 32.11 -13.81 -2.82
N ARG C 115 32.71 -12.78 -3.41
CA ARG C 115 33.38 -11.77 -2.62
C ARG C 115 32.39 -10.88 -1.89
N ASN C 116 31.13 -10.89 -2.33
CA ASN C 116 30.10 -10.13 -1.65
C ASN C 116 29.50 -10.84 -0.44
N LEU C 117 29.97 -12.03 -0.08
CA LEU C 117 29.36 -12.81 0.98
C LEU C 117 29.73 -12.34 2.38
N ARG C 118 30.56 -11.30 2.49
CA ARG C 118 30.97 -10.81 3.81
C ARG C 118 29.77 -10.27 4.59
N ALA C 119 28.79 -9.71 3.90
CA ALA C 119 27.63 -9.13 4.57
C ALA C 119 26.86 -10.16 5.37
N PHE C 120 27.01 -11.43 5.03
CA PHE C 120 26.23 -12.50 5.64
C PHE C 120 26.91 -13.13 6.84
N ARG C 121 28.08 -12.63 7.25
CA ARG C 121 28.69 -13.12 8.48
C ARG C 121 27.86 -12.71 9.69
N ILE C 122 27.08 -11.64 9.58
CA ILE C 122 26.25 -11.17 10.67
C ILE C 122 25.20 -12.20 11.07
N PHE C 123 24.93 -13.17 10.20
CA PHE C 123 23.99 -14.23 10.55
C PHE C 123 24.53 -15.11 11.65
N ARG C 124 25.85 -15.12 11.87
CA ARG C 124 26.41 -15.85 12.99
C ARG C 124 25.99 -15.25 14.33
N LEU C 125 25.62 -13.97 14.34
CA LEU C 125 25.10 -13.35 15.54
C LEU C 125 23.78 -13.97 15.97
N PHE C 126 22.98 -14.43 15.01
CA PHE C 126 21.72 -15.09 15.33
C PHE C 126 21.95 -16.40 16.08
N LYS C 127 23.18 -16.89 16.10
CA LYS C 127 23.51 -18.03 16.94
C LYS C 127 23.90 -17.62 18.35
N ARG C 128 24.56 -16.47 18.49
CA ARG C 128 25.03 -16.00 19.79
C ARG C 128 23.89 -15.49 20.66
N ILE C 129 22.97 -14.73 20.09
CA ILE C 129 21.88 -14.12 20.83
C ILE C 129 20.67 -15.03 20.75
N LYS C 130 20.14 -15.44 21.91
CA LYS C 130 19.06 -16.41 21.97
C LYS C 130 17.73 -15.88 21.46
N SER C 131 17.53 -14.56 21.48
CA SER C 131 16.27 -13.98 21.02
C SER C 131 16.15 -14.03 19.50
N LEU C 132 17.18 -13.55 18.81
CA LEU C 132 17.20 -13.64 17.35
C LEU C 132 17.16 -15.08 16.90
N ASN C 133 17.82 -15.97 17.65
CA ASN C 133 17.76 -17.39 17.35
C ASN C 133 16.34 -17.92 17.48
N LYS C 134 15.63 -17.51 18.52
CA LYS C 134 14.26 -17.93 18.73
C LYS C 134 13.32 -17.43 17.66
N ILE C 135 13.61 -16.28 17.10
CA ILE C 135 12.76 -15.72 16.05
C ILE C 135 13.04 -16.39 14.71
N ILE C 136 14.32 -16.59 14.38
CA ILE C 136 14.62 -17.20 13.08
C ILE C 136 14.22 -18.67 13.07
N VAL C 137 14.31 -19.35 14.21
CA VAL C 137 13.86 -20.74 14.24
C VAL C 137 12.35 -20.80 14.06
N SER C 138 11.61 -19.87 14.64
CA SER C 138 10.16 -19.83 14.43
C SER C 138 9.84 -19.56 12.96
N LEU C 139 10.54 -18.61 12.35
CA LEU C 139 10.35 -18.35 10.91
C LEU C 139 10.60 -19.61 10.10
N GLY C 140 11.69 -20.33 10.40
CA GLY C 140 12.04 -21.49 9.60
C GLY C 140 11.07 -22.64 9.77
N LYS C 141 10.57 -22.85 10.98
CA LYS C 141 9.58 -23.89 11.18
C LYS C 141 8.18 -23.46 10.74
N ALA C 142 7.98 -22.18 10.40
CA ALA C 142 6.71 -21.76 9.82
C ALA C 142 6.68 -21.78 8.30
N ILE C 143 7.82 -21.57 7.63
CA ILE C 143 7.83 -21.54 6.16
C ILE C 143 7.19 -22.76 5.52
N PRO C 144 7.48 -24.01 5.93
CA PRO C 144 6.82 -25.15 5.29
C PRO C 144 5.30 -25.12 5.34
N GLY C 145 4.71 -24.47 6.34
CA GLY C 145 3.26 -24.31 6.34
C GLY C 145 2.80 -23.30 5.32
N VAL C 146 3.57 -22.24 5.12
CA VAL C 146 3.27 -21.26 4.07
C VAL C 146 3.26 -21.93 2.71
N ALA C 147 4.12 -22.93 2.51
CA ALA C 147 4.33 -23.59 1.22
C ALA C 147 3.09 -23.79 0.35
N ASN C 148 2.03 -24.36 0.92
CA ASN C 148 0.87 -24.75 0.11
C ASN C 148 0.14 -23.53 -0.44
N ALA C 149 -0.26 -22.63 0.45
CA ALA C 149 -0.92 -21.40 0.00
C ALA C 149 -0.01 -20.60 -0.90
N PHE C 150 1.31 -20.67 -0.70
CA PHE C 150 2.23 -19.98 -1.58
C PHE C 150 2.18 -20.57 -3.00
N VAL C 151 2.15 -21.89 -3.11
CA VAL C 151 2.13 -22.48 -4.44
C VAL C 151 0.79 -22.25 -5.12
N ILE C 152 -0.30 -22.18 -4.35
CA ILE C 152 -1.59 -21.80 -4.94
C ILE C 152 -1.52 -20.38 -5.48
N MET C 153 -0.97 -19.47 -4.68
CA MET C 153 -0.74 -18.10 -5.12
C MET C 153 0.06 -18.05 -6.41
N VAL C 154 1.13 -18.84 -6.50
CA VAL C 154 1.99 -18.82 -7.67
C VAL C 154 1.27 -19.39 -8.89
N ILE C 155 0.47 -20.43 -8.69
CA ILE C 155 -0.29 -21.00 -9.81
C ILE C 155 -1.27 -19.98 -10.36
N ILE C 156 -1.96 -19.27 -9.48
CA ILE C 156 -2.93 -18.28 -9.93
C ILE C 156 -2.23 -17.11 -10.61
N MET C 157 -1.10 -16.66 -10.07
CA MET C 157 -0.33 -15.61 -10.72
C MET C 157 0.18 -16.06 -12.08
N CYS C 158 0.48 -17.35 -12.22
CA CYS C 158 0.99 -17.87 -13.48
C CYS C 158 -0.11 -17.96 -14.53
N ILE C 159 -1.31 -18.37 -14.11
CA ILE C 159 -2.48 -18.32 -15.00
C ILE C 159 -2.71 -16.89 -15.49
N TYR C 160 -2.71 -15.93 -14.55
CA TYR C 160 -2.90 -14.55 -14.94
C TYR C 160 -1.78 -14.04 -15.82
N ALA C 161 -0.56 -14.54 -15.65
CA ALA C 161 0.54 -14.13 -16.51
C ALA C 161 0.39 -14.68 -17.91
N ILE C 162 -0.07 -15.92 -18.03
CA ILE C 162 -0.35 -16.49 -19.34
C ILE C 162 -1.41 -15.68 -20.06
N LEU C 163 -2.52 -15.39 -19.36
CA LEU C 163 -3.59 -14.60 -19.95
C LEU C 163 -3.13 -13.20 -20.27
N GLY C 164 -2.27 -12.62 -19.42
CA GLY C 164 -1.80 -11.28 -19.68
C GLY C 164 -0.89 -11.21 -20.88
N VAL C 165 -0.06 -12.22 -21.09
CA VAL C 165 0.76 -12.25 -22.28
C VAL C 165 -0.12 -12.43 -23.51
N GLU C 166 -1.16 -13.25 -23.40
CA GLU C 166 -2.06 -13.44 -24.54
C GLU C 166 -2.79 -12.15 -24.89
N PHE C 167 -3.33 -11.44 -23.89
CA PHE C 167 -4.15 -10.27 -24.16
C PHE C 167 -3.32 -9.03 -24.45
N TYR C 168 -2.38 -8.70 -23.58
CA TYR C 168 -1.79 -7.38 -23.55
C TYR C 168 -0.37 -7.30 -24.07
N HIS C 169 0.19 -8.38 -24.59
CA HIS C 169 1.59 -8.32 -25.01
C HIS C 169 1.82 -7.41 -26.21
N MET C 170 0.76 -6.98 -26.89
CA MET C 170 0.91 -6.11 -28.05
C MET C 170 0.16 -4.79 -27.90
N THR C 171 -0.27 -4.45 -26.69
CA THR C 171 -0.99 -3.20 -26.46
C THR C 171 -0.07 -2.01 -26.64
N GLY C 172 -0.41 -1.12 -27.55
CA GLY C 172 0.40 0.07 -27.78
C GLY C 172 1.67 -0.18 -28.54
N SER C 173 1.71 -1.25 -29.34
CA SER C 173 2.95 -1.64 -30.01
C SER C 173 3.42 -0.60 -31.00
N ASP C 174 2.49 0.13 -31.61
CA ASP C 174 2.81 1.25 -32.46
C ASP C 174 3.55 2.35 -31.71
N GLY C 175 3.63 2.24 -30.38
CA GLY C 175 4.12 3.29 -29.53
C GLY C 175 3.03 4.21 -29.04
N THR C 176 1.89 4.24 -29.72
CA THR C 176 0.76 5.04 -29.33
C THR C 176 -0.48 4.15 -29.28
N TYR C 177 -1.50 4.62 -28.56
CA TYR C 177 -2.81 4.02 -28.64
C TYR C 177 -3.87 5.11 -28.67
N VAL C 178 -5.10 4.72 -28.92
CA VAL C 178 -6.21 5.66 -29.10
C VAL C 178 -7.18 5.50 -27.94
N THR C 179 -7.67 6.64 -27.44
CA THR C 179 -8.70 6.68 -26.43
C THR C 179 -9.86 7.47 -27.00
N TYR C 180 -11.03 7.36 -26.37
CA TYR C 180 -12.26 7.88 -26.95
C TYR C 180 -12.99 8.82 -26.00
N ASN C 181 -13.41 9.96 -26.55
CA ASN C 181 -14.07 11.04 -25.83
C ASN C 181 -15.57 10.82 -25.78
N ASP C 182 -16.22 11.66 -24.98
CA ASP C 182 -17.64 11.96 -25.09
C ASP C 182 -17.83 13.46 -25.21
N ASN C 183 -16.96 14.11 -25.98
CA ASN C 183 -16.91 15.57 -26.01
C ASN C 183 -18.24 16.18 -26.43
N VAL C 184 -18.95 15.53 -27.36
CA VAL C 184 -20.22 16.06 -27.82
C VAL C 184 -21.27 15.99 -26.71
N LYS C 185 -21.47 14.80 -26.15
CA LYS C 185 -22.49 14.62 -25.13
C LYS C 185 -22.15 15.38 -23.86
N ARG C 186 -20.87 15.71 -23.66
CA ARG C 186 -20.46 16.48 -22.50
C ARG C 186 -20.48 17.96 -22.76
N GLY C 187 -21.02 18.39 -23.90
CA GLY C 187 -21.18 19.80 -24.19
C GLY C 187 -19.90 20.49 -24.58
N LEU C 188 -18.77 19.80 -24.53
CA LEU C 188 -17.50 20.41 -24.83
C LEU C 188 -17.36 20.69 -26.32
N CYS C 189 -18.22 20.10 -27.14
CA CYS C 189 -18.24 20.36 -28.56
C CYS C 189 -19.61 19.99 -29.11
N THR C 190 -19.85 20.40 -30.35
CA THR C 190 -21.05 20.06 -31.09
C THR C 190 -20.74 18.95 -32.08
N GLY C 191 -21.78 18.24 -32.52
CA GLY C 191 -21.61 17.30 -33.60
C GLY C 191 -21.13 17.93 -34.89
N ASP C 192 -21.51 19.19 -35.14
CA ASP C 192 -21.11 19.86 -36.36
C ASP C 192 -19.60 20.07 -36.41
N GLU C 193 -18.98 20.47 -35.30
CA GLU C 193 -17.54 20.70 -35.33
C GLU C 193 -16.77 19.39 -35.32
N VAL C 194 -17.38 18.30 -34.85
CA VAL C 194 -16.76 16.99 -34.99
C VAL C 194 -16.75 16.57 -36.46
N GLU C 195 -17.90 16.72 -37.13
CA GLU C 195 -17.97 16.36 -38.55
C GLU C 195 -17.17 17.32 -39.41
N LEU C 196 -16.90 18.53 -38.92
CA LEU C 196 -16.20 19.51 -39.72
C LEU C 196 -14.69 19.27 -39.71
N GLY C 197 -14.15 18.81 -38.59
CA GLY C 197 -12.72 18.59 -38.48
C GLY C 197 -12.05 19.55 -37.52
N GLN C 198 -12.85 20.20 -36.67
CA GLN C 198 -12.30 21.18 -35.74
C GLN C 198 -11.97 20.55 -34.40
N CYS C 199 -12.77 19.60 -33.93
CA CYS C 199 -12.43 18.79 -32.77
C CYS C 199 -12.65 17.32 -33.12
N SER C 200 -12.35 16.45 -32.17
CA SER C 200 -12.37 15.01 -32.43
C SER C 200 -12.88 14.27 -31.20
N LEU C 201 -13.37 13.05 -31.42
CA LEU C 201 -13.84 12.20 -30.34
C LEU C 201 -12.84 11.14 -29.95
N ASN C 202 -11.61 11.21 -30.47
CA ASN C 202 -10.56 10.29 -30.08
C ASN C 202 -9.25 11.06 -29.92
N GLN C 203 -8.38 10.55 -29.07
CA GLN C 203 -7.07 11.13 -28.82
C GLN C 203 -6.01 10.04 -28.94
N THR C 204 -4.89 10.37 -29.59
CA THR C 204 -3.77 9.46 -29.74
C THR C 204 -2.82 9.67 -28.55
N VAL C 205 -2.69 8.61 -27.75
CA VAL C 205 -1.85 8.67 -26.57
C VAL C 205 -0.62 7.80 -26.75
N SER C 206 0.55 8.30 -26.33
CA SER C 206 1.77 7.54 -26.46
C SER C 206 1.82 6.42 -25.43
N SER C 207 2.31 5.26 -25.86
CA SER C 207 2.34 4.06 -25.05
C SER C 207 3.70 3.78 -24.43
N GLU C 208 4.71 4.62 -24.71
CA GLU C 208 6.05 4.36 -24.23
C GLU C 208 6.15 4.55 -22.72
N THR C 209 6.82 3.61 -22.07
CA THR C 209 7.03 3.68 -20.63
C THR C 209 8.30 4.49 -20.34
N ALA C 210 8.60 4.62 -19.05
CA ALA C 210 9.80 5.33 -18.61
C ALA C 210 11.08 4.57 -18.90
N ARG C 211 10.93 3.30 -19.23
CA ARG C 211 12.07 2.47 -19.52
C ARG C 211 12.27 2.26 -21.02
N GLY C 212 11.66 3.10 -21.84
CA GLY C 212 11.88 3.12 -23.27
C GLY C 212 11.03 2.15 -24.07
N TYR C 213 10.29 1.28 -23.41
CA TYR C 213 9.50 0.25 -24.06
C TYR C 213 8.17 0.83 -24.54
N THR C 214 7.28 -0.04 -24.99
CA THR C 214 5.86 0.26 -25.09
C THR C 214 5.14 -0.56 -24.02
N TYR C 215 3.88 -0.19 -23.77
CA TYR C 215 3.17 -0.75 -22.63
C TYR C 215 3.17 -2.27 -22.63
N GLY C 216 2.77 -2.87 -23.75
CA GLY C 216 2.63 -4.32 -23.78
C GLY C 216 3.95 -5.04 -23.68
N GLU C 217 4.96 -4.57 -24.42
CA GLU C 217 6.25 -5.24 -24.40
C GLU C 217 6.88 -5.20 -23.03
N GLU C 218 6.68 -4.08 -22.34
CA GLU C 218 7.26 -3.84 -21.02
C GLU C 218 6.52 -4.47 -19.83
N TYR C 219 5.21 -4.70 -19.96
CA TYR C 219 4.48 -5.28 -18.83
C TYR C 219 4.07 -6.72 -19.07
N TYR C 220 3.82 -7.10 -20.33
CA TYR C 220 3.36 -8.44 -20.65
C TYR C 220 4.04 -8.98 -21.89
N GLY C 221 5.23 -8.47 -22.21
CA GLY C 221 5.91 -8.89 -23.42
C GLY C 221 6.25 -10.37 -23.44
N THR C 222 6.63 -10.91 -22.28
CA THR C 222 6.91 -12.33 -22.12
C THR C 222 6.26 -12.80 -20.84
N PHE C 223 6.39 -14.08 -20.55
CA PHE C 223 5.76 -14.69 -19.39
C PHE C 223 6.38 -14.21 -18.08
N PHE C 224 7.71 -14.06 -18.04
CA PHE C 224 8.35 -13.62 -16.81
C PHE C 224 8.20 -12.12 -16.60
N ARG C 225 8.12 -11.35 -17.69
CA ARG C 225 7.73 -9.95 -17.57
C ARG C 225 6.33 -9.82 -16.98
N ALA C 226 5.38 -10.62 -17.47
CA ALA C 226 4.02 -10.57 -16.96
C ALA C 226 3.95 -11.04 -15.52
N LEU C 227 4.76 -12.03 -15.17
CA LEU C 227 4.80 -12.52 -13.79
C LEU C 227 5.37 -11.47 -12.84
N TYR C 228 6.39 -10.76 -13.27
CA TYR C 228 6.92 -9.64 -12.50
C TYR C 228 5.88 -8.54 -12.35
N THR C 229 5.19 -8.21 -13.45
CA THR C 229 4.14 -7.20 -13.41
C THR C 229 3.03 -7.60 -12.45
N LEU C 230 2.68 -8.88 -12.40
CA LEU C 230 1.62 -9.31 -11.50
C LEU C 230 2.09 -9.36 -10.06
N PHE C 231 3.37 -9.58 -9.82
CA PHE C 231 3.90 -9.41 -8.46
C PHE C 231 3.82 -7.95 -8.04
N GLN C 232 4.08 -7.02 -8.95
CA GLN C 232 3.92 -5.61 -8.64
C GLN C 232 2.46 -5.28 -8.30
N VAL C 233 1.51 -5.81 -9.06
CA VAL C 233 0.09 -5.57 -8.79
C VAL C 233 -0.31 -6.16 -7.45
N LEU C 234 0.25 -7.30 -7.09
CA LEU C 234 -0.06 -7.94 -5.82
C LEU C 234 0.35 -7.05 -4.67
N THR C 235 1.51 -6.42 -4.78
CA THR C 235 1.95 -5.47 -3.78
C THR C 235 1.02 -4.26 -3.82
N GLY C 236 0.51 -3.94 -4.99
CA GLY C 236 -0.40 -2.82 -5.12
C GLY C 236 0.26 -1.62 -5.72
N GLU C 237 1.46 -1.81 -6.21
CA GLU C 237 2.18 -0.68 -6.72
C GLU C 237 1.88 -0.17 -8.12
N SER C 238 1.55 1.11 -8.23
CA SER C 238 1.21 1.79 -9.48
C SER C 238 0.47 0.85 -10.42
N TRP C 239 -0.43 0.04 -9.87
CA TRP C 239 -1.05 -1.01 -10.65
C TRP C 239 -2.12 -0.44 -11.56
N SER C 240 -2.66 0.74 -11.24
CA SER C 240 -3.69 1.36 -12.06
C SER C 240 -3.11 2.36 -13.04
N GLU C 241 -2.33 3.33 -12.55
CA GLU C 241 -1.93 4.43 -13.39
C GLU C 241 -0.95 4.02 -14.48
N ALA C 242 -0.10 3.04 -14.21
CA ALA C 242 0.90 2.59 -15.18
C ALA C 242 0.49 1.32 -15.91
N VAL C 243 -0.28 0.44 -15.26
CA VAL C 243 -0.58 -0.87 -15.82
C VAL C 243 -2.04 -0.97 -16.24
N ALA C 244 -2.96 -0.89 -15.28
CA ALA C 244 -4.35 -1.24 -15.55
C ALA C 244 -5.02 -0.22 -16.45
N ARG C 245 -4.91 1.07 -16.12
CA ARG C 245 -5.69 2.09 -16.83
C ARG C 245 -5.36 2.21 -18.31
N PRO C 246 -4.09 2.11 -18.76
CA PRO C 246 -3.88 2.12 -20.22
C PRO C 246 -4.61 1.01 -20.95
N ALA C 247 -4.63 -0.20 -20.39
CA ALA C 247 -5.37 -1.29 -21.00
C ALA C 247 -6.87 -1.06 -20.91
N VAL C 248 -7.34 -0.53 -19.79
CA VAL C 248 -8.76 -0.31 -19.58
C VAL C 248 -9.32 0.69 -20.57
N PHE C 249 -8.61 1.79 -20.80
CA PHE C 249 -9.08 2.84 -21.67
C PHE C 249 -8.62 2.69 -23.10
N GLU C 250 -7.70 1.76 -23.37
CA GLU C 250 -7.40 1.42 -24.76
C GLU C 250 -8.57 0.69 -25.40
N SER C 251 -9.27 -0.11 -24.62
CA SER C 251 -10.51 -0.72 -25.06
C SER C 251 -11.61 0.32 -25.20
N HIS C 252 -12.09 0.52 -26.41
CA HIS C 252 -13.14 1.51 -26.64
C HIS C 252 -14.37 1.19 -25.81
N TYR C 253 -14.99 0.05 -26.06
CA TYR C 253 -16.19 -0.36 -25.36
C TYR C 253 -16.02 -1.66 -24.59
N ASP C 254 -14.92 -2.37 -24.79
CA ASP C 254 -14.67 -3.66 -24.14
C ASP C 254 -13.92 -3.49 -22.82
N SER C 255 -14.05 -2.33 -22.19
CA SER C 255 -13.30 -2.01 -20.99
C SER C 255 -13.53 -2.98 -19.86
N PHE C 256 -14.61 -3.75 -19.89
CA PHE C 256 -14.85 -4.72 -18.83
C PHE C 256 -13.80 -5.81 -18.82
N GLY C 257 -13.15 -6.07 -19.96
CA GLY C 257 -12.13 -7.07 -20.06
C GLY C 257 -10.94 -6.80 -19.16
N PRO C 258 -10.19 -5.73 -19.44
CA PRO C 258 -9.07 -5.39 -18.56
C PRO C 258 -9.52 -5.03 -17.15
N VAL C 259 -10.64 -4.33 -17.00
CA VAL C 259 -11.13 -4.00 -15.67
C VAL C 259 -11.31 -5.26 -14.84
N LEU C 260 -11.95 -6.27 -15.42
CA LEU C 260 -12.24 -7.48 -14.68
C LEU C 260 -10.98 -8.31 -14.47
N PHE C 261 -10.08 -8.33 -15.46
CA PHE C 261 -8.75 -8.91 -15.27
C PHE C 261 -8.10 -8.39 -14.00
N TYR C 262 -7.91 -7.08 -13.92
CA TYR C 262 -7.17 -6.50 -12.81
C TYR C 262 -7.96 -6.56 -11.51
N VAL C 263 -9.28 -6.33 -11.57
CA VAL C 263 -10.07 -6.32 -10.34
C VAL C 263 -10.14 -7.72 -9.75
N SER C 264 -10.37 -8.73 -10.58
CA SER C 264 -10.39 -10.10 -10.10
C SER C 264 -9.04 -10.51 -9.55
N PHE C 265 -7.95 -10.15 -10.23
CA PHE C 265 -6.62 -10.50 -9.73
C PHE C 265 -6.36 -9.84 -8.38
N ILE C 266 -6.57 -8.52 -8.31
CA ILE C 266 -6.35 -7.81 -7.06
C ILE C 266 -7.15 -8.46 -5.94
N ILE C 267 -8.47 -8.60 -6.14
CA ILE C 267 -9.31 -9.20 -5.12
C ILE C 267 -8.74 -10.54 -4.69
N ILE C 268 -8.74 -11.51 -5.61
CA ILE C 268 -8.38 -12.89 -5.28
C ILE C 268 -6.98 -12.92 -4.67
N CYS C 269 -5.98 -12.64 -5.49
CA CYS C 269 -4.61 -12.81 -5.05
C CYS C 269 -4.32 -11.87 -3.90
N GLN C 270 -4.33 -10.55 -4.14
CA GLN C 270 -3.88 -9.62 -3.13
C GLN C 270 -4.68 -9.86 -1.86
N ILE C 271 -5.97 -9.55 -1.87
CA ILE C 271 -6.70 -9.55 -0.62
C ILE C 271 -6.72 -10.97 -0.08
N VAL C 272 -7.42 -11.88 -0.76
CA VAL C 272 -7.70 -13.17 -0.15
C VAL C 272 -6.40 -13.94 0.06
N LEU C 273 -5.63 -14.13 -1.00
CA LEU C 273 -4.52 -15.08 -0.92
C LEU C 273 -3.36 -14.53 -0.10
N ILE C 274 -3.01 -13.24 -0.25
CA ILE C 274 -1.94 -12.73 0.59
C ILE C 274 -2.33 -12.82 2.06
N ASN C 275 -3.59 -12.50 2.36
CA ASN C 275 -3.96 -12.54 3.77
C ASN C 275 -4.03 -13.96 4.31
N VAL C 276 -4.37 -14.95 3.47
CA VAL C 276 -4.32 -16.34 3.94
C VAL C 276 -2.88 -16.80 4.14
N VAL C 277 -1.97 -16.41 3.23
CA VAL C 277 -0.57 -16.80 3.37
C VAL C 277 0.01 -16.23 4.65
N VAL C 278 -0.20 -14.94 4.89
CA VAL C 278 0.32 -14.31 6.10
C VAL C 278 -0.36 -14.87 7.34
N ALA C 279 -1.64 -15.22 7.25
CA ALA C 279 -2.32 -15.81 8.40
C ALA C 279 -1.74 -17.16 8.77
N VAL C 280 -1.45 -18.00 7.77
CA VAL C 280 -0.80 -19.28 8.04
C VAL C 280 0.59 -19.07 8.64
N LEU C 281 1.37 -18.16 8.05
CA LEU C 281 2.69 -17.81 8.58
C LEU C 281 2.61 -17.47 10.06
N LEU C 282 1.78 -16.49 10.41
CA LEU C 282 1.71 -16.03 11.79
C LEU C 282 1.12 -17.07 12.73
N ASP C 283 0.21 -17.93 12.24
CA ASP C 283 -0.32 -18.99 13.09
C ASP C 283 0.78 -19.98 13.46
N LYS C 284 1.57 -20.40 12.47
CA LYS C 284 2.64 -21.33 12.76
C LYS C 284 3.69 -20.70 13.66
N MET C 285 3.92 -19.39 13.52
CA MET C 285 4.84 -18.72 14.44
C MET C 285 4.30 -18.66 15.86
N VAL C 286 3.00 -18.38 16.03
CA VAL C 286 2.47 -18.16 17.38
C VAL C 286 2.22 -19.49 18.08
N GLU C 287 2.19 -20.60 17.35
CA GLU C 287 2.23 -21.88 18.05
C GLU C 287 3.63 -22.49 18.01
N GLU C 288 4.56 -21.82 17.30
CA GLU C 288 5.97 -21.91 17.65
C GLU C 288 6.27 -21.15 18.94
N ASP C 289 5.38 -20.22 19.32
CA ASP C 289 5.59 -19.44 20.54
C ASP C 289 5.44 -20.28 21.80
N TRP D 1 8.38 19.55 55.80
CA TRP D 1 7.19 19.96 55.07
C TRP D 1 6.80 21.39 55.38
N LEU D 2 6.51 22.14 54.32
CA LEU D 2 6.09 23.52 54.44
C LEU D 2 4.73 23.59 55.13
N PRO D 3 4.38 24.73 55.73
CA PRO D 3 3.16 24.76 56.57
C PRO D 3 1.87 24.48 55.82
N HIS D 4 1.56 25.24 54.77
CA HIS D 4 0.30 25.09 54.05
C HIS D 4 0.46 24.27 52.78
N GLN D 5 1.29 23.23 52.83
CA GLN D 5 1.59 22.43 51.65
C GLN D 5 0.65 21.28 51.35
N ARG D 6 0.09 20.68 52.38
CA ARG D 6 -0.79 19.54 52.20
C ARG D 6 -2.02 19.91 51.37
N LYS D 7 -2.61 21.06 51.66
CA LYS D 7 -3.85 21.43 51.00
C LYS D 7 -3.61 21.90 49.57
N VAL D 8 -2.51 22.63 49.33
CA VAL D 8 -2.12 22.94 47.96
C VAL D 8 -1.87 21.65 47.18
N PHE D 9 -1.30 20.65 47.85
CA PHE D 9 -1.02 19.39 47.16
C PHE D 9 -2.29 18.69 46.73
N ASP D 10 -3.19 18.39 47.67
CA ASP D 10 -4.38 17.65 47.26
C ASP D 10 -5.35 18.54 46.49
N PHE D 11 -5.12 19.85 46.46
CA PHE D 11 -5.91 20.71 45.58
C PHE D 11 -5.42 20.63 44.14
N TYR D 12 -4.10 20.57 43.94
CA TYR D 12 -3.60 20.37 42.59
C TYR D 12 -3.98 19.01 42.04
N ALA D 13 -4.18 18.02 42.91
CA ALA D 13 -4.65 16.71 42.50
C ALA D 13 -6.16 16.64 42.39
N SER D 14 -6.85 17.78 42.32
CA SER D 14 -8.29 17.77 42.17
C SER D 14 -8.67 17.45 40.73
N GLN D 15 -9.77 16.70 40.59
CA GLN D 15 -10.26 16.35 39.26
C GLN D 15 -10.59 17.61 38.46
N GLY D 16 -11.19 18.60 39.11
CA GLY D 16 -11.53 19.83 38.42
C GLY D 16 -10.31 20.62 38.01
N VAL D 17 -9.28 20.67 38.87
CA VAL D 17 -8.05 21.36 38.52
C VAL D 17 -7.34 20.66 37.38
N GLN D 18 -7.32 19.33 37.39
CA GLN D 18 -6.65 18.59 36.33
C GLN D 18 -7.43 18.71 35.02
N TYR D 19 -8.75 18.79 35.08
CA TYR D 19 -9.53 19.02 33.88
C TYR D 19 -9.35 20.43 33.35
N PHE D 20 -9.20 21.41 34.23
CA PHE D 20 -8.90 22.77 33.76
C PHE D 20 -7.53 22.84 33.14
N THR D 21 -6.56 22.13 33.71
CA THR D 21 -5.22 22.08 33.11
C THR D 21 -5.27 21.38 31.76
N ALA D 22 -6.08 20.35 31.63
CA ALA D 22 -6.25 19.69 30.35
C ALA D 22 -6.89 20.62 29.33
N PHE D 23 -7.88 21.40 29.75
CA PHE D 23 -8.46 22.40 28.87
C PHE D 23 -7.40 23.39 28.41
N LEU D 24 -6.52 23.81 29.33
CA LEU D 24 -5.46 24.73 28.97
C LEU D 24 -4.47 24.10 28.00
N ILE D 25 -4.12 22.84 28.23
CA ILE D 25 -3.20 22.12 27.35
C ILE D 25 -3.78 22.03 25.94
N VAL D 26 -5.04 21.60 25.85
CA VAL D 26 -5.68 21.43 24.55
C VAL D 26 -5.83 22.77 23.85
N SER D 27 -6.16 23.83 24.59
CA SER D 27 -6.34 25.12 23.96
C SER D 27 -5.01 25.72 23.52
N ASN D 28 -3.93 25.43 24.24
CA ASN D 28 -2.60 25.84 23.76
C ASN D 28 -2.22 25.10 22.48
N PHE D 29 -2.50 23.79 22.45
CA PHE D 29 -2.25 23.01 21.25
C PHE D 29 -3.04 23.56 20.06
N ILE D 30 -4.30 23.89 20.29
CA ILE D 30 -5.16 24.44 19.24
C ILE D 30 -4.68 25.82 18.83
N PHE D 31 -4.16 26.61 19.77
CA PHE D 31 -3.58 27.91 19.44
C PHE D 31 -2.38 27.75 18.52
N ASN D 32 -1.57 26.72 18.74
CA ASN D 32 -0.41 26.48 17.88
C ASN D 32 -0.83 25.97 16.50
N CYS D 33 -1.77 25.03 16.47
CA CYS D 33 -2.34 24.56 15.21
C CYS D 33 -2.92 25.72 14.42
N ALA D 34 -3.65 26.61 15.09
CA ALA D 34 -4.26 27.76 14.45
C ALA D 34 -3.21 28.77 13.99
N GLU D 35 -2.11 28.89 14.71
CA GLU D 35 -1.01 29.74 14.25
C GLU D 35 -0.45 29.21 12.93
N LYS D 36 -0.25 27.90 12.86
CA LYS D 36 0.26 27.31 11.62
C LYS D 36 -0.76 27.36 10.49
N GLU D 37 -2.06 27.32 10.82
CA GLU D 37 -3.10 27.37 9.80
C GLU D 37 -3.27 28.78 9.25
N TRP D 38 -3.35 29.79 10.11
CA TRP D 38 -3.71 31.12 9.68
C TRP D 38 -2.53 32.08 9.60
N ASP D 39 -1.36 31.72 10.10
CA ASP D 39 -0.18 32.57 10.01
C ASP D 39 1.09 31.71 9.97
N PRO D 40 1.26 30.90 8.92
CA PRO D 40 2.49 30.12 8.78
C PRO D 40 3.63 30.87 8.12
N TYR D 41 3.39 32.12 7.71
CA TYR D 41 4.35 32.88 6.95
C TYR D 41 5.54 33.28 7.83
N THR D 42 6.61 33.70 7.17
CA THR D 42 7.76 34.27 7.89
C THR D 42 7.44 35.68 8.34
N ASP D 43 6.95 36.52 7.43
CA ASP D 43 6.36 37.81 7.79
C ASP D 43 4.95 37.51 8.24
N GLN D 44 4.79 37.23 9.53
CA GLN D 44 3.47 36.98 10.07
C GLN D 44 2.63 38.25 9.99
N LEU D 45 1.32 38.06 9.88
CA LEU D 45 0.39 39.18 9.84
C LEU D 45 -0.07 39.58 11.23
N TYR D 46 -0.29 38.60 12.10
CA TYR D 46 -0.66 38.85 13.49
C TYR D 46 0.42 38.24 14.37
N GLN D 47 1.55 38.94 14.49
CA GLN D 47 2.67 38.39 15.26
C GLN D 47 2.47 38.60 16.75
N GLY D 48 1.96 39.77 17.14
CA GLY D 48 1.69 40.01 18.53
C GLY D 48 0.69 39.03 19.10
N LEU D 49 -0.28 38.61 18.29
CA LEU D 49 -1.27 37.65 18.76
C LEU D 49 -0.60 36.37 19.25
N TRP D 50 0.20 35.74 18.38
CA TRP D 50 0.86 34.51 18.75
C TRP D 50 1.87 34.73 19.87
N ARG D 51 2.62 35.84 19.80
CA ARG D 51 3.62 36.13 20.82
C ARG D 51 3.00 36.24 22.21
N TRP D 52 1.94 37.04 22.34
CA TRP D 52 1.36 37.26 23.65
C TRP D 52 0.45 36.12 24.10
N GLY D 53 -0.17 35.38 23.18
CA GLY D 53 -0.85 34.16 23.60
C GLY D 53 0.13 33.13 24.11
N GLU D 54 1.29 33.03 23.45
CA GLU D 54 2.38 32.21 23.95
C GLU D 54 2.79 32.65 25.34
N PHE D 55 2.98 33.95 25.53
CA PHE D 55 3.33 34.49 26.84
C PHE D 55 2.32 34.10 27.89
N ALA D 56 1.03 34.27 27.59
CA ALA D 56 -0.03 33.98 28.56
C ALA D 56 -0.08 32.51 28.91
N PHE D 57 -0.01 31.64 27.90
CA PHE D 57 -0.04 30.21 28.16
C PHE D 57 1.17 29.77 28.96
N ASN D 58 2.37 30.27 28.61
CA ASN D 58 3.55 29.93 29.37
C ASN D 58 3.46 30.43 30.80
N THR D 59 2.85 31.60 31.00
CA THR D 59 2.66 32.11 32.34
C THR D 59 1.78 31.18 33.16
N MET D 60 0.64 30.76 32.59
CA MET D 60 -0.25 29.90 33.34
C MET D 60 0.39 28.53 33.61
N PHE D 61 1.17 28.02 32.67
CA PHE D 61 1.88 26.77 32.89
C PHE D 61 2.93 26.89 33.97
N LEU D 62 3.69 27.99 33.98
CA LEU D 62 4.61 28.28 35.08
C LEU D 62 3.89 28.33 36.42
N ILE D 63 2.78 29.05 36.47
CA ILE D 63 2.06 29.25 37.72
C ILE D 63 1.58 27.92 38.27
N GLU D 64 0.97 27.09 37.44
CA GLU D 64 0.44 25.85 37.98
C GLU D 64 1.50 24.76 38.07
N LEU D 65 2.68 24.97 37.46
CA LEU D 65 3.82 24.15 37.82
C LEU D 65 4.31 24.49 39.22
N LEU D 66 4.35 25.77 39.57
CA LEU D 66 4.72 26.15 40.92
C LEU D 66 3.71 25.63 41.93
N ILE D 67 2.42 25.65 41.57
CA ILE D 67 1.39 25.06 42.42
C ILE D 67 1.59 23.55 42.51
N ASN D 68 2.03 22.93 41.42
CA ASN D 68 2.37 21.51 41.44
C ASN D 68 3.50 21.24 42.43
N PHE D 69 4.56 22.04 42.36
CA PHE D 69 5.77 21.78 43.13
C PHE D 69 5.59 22.12 44.61
N TYR D 70 4.74 23.10 44.93
CA TYR D 70 4.54 23.45 46.33
C TYR D 70 3.92 22.31 47.10
N GLY D 71 3.20 21.41 46.42
CA GLY D 71 2.60 20.30 47.10
C GLY D 71 3.53 19.15 47.36
N ILE D 72 4.69 19.13 46.70
CA ILE D 72 5.64 18.04 46.86
C ILE D 72 6.93 18.58 47.47
N ALA D 73 6.84 19.74 48.12
CA ALA D 73 7.95 20.41 48.76
C ALA D 73 9.05 20.78 47.77
N PHE D 74 8.69 21.07 46.53
CA PHE D 74 9.60 21.46 45.45
C PHE D 74 10.64 20.39 45.16
N CYS D 75 10.43 19.16 45.63
CA CYS D 75 11.41 18.10 45.46
C CYS D 75 11.25 17.41 44.11
N PHE D 76 10.05 16.93 43.82
CA PHE D 76 9.66 16.26 42.58
C PHE D 76 10.57 15.08 42.27
N TRP D 77 11.42 14.69 43.22
CA TRP D 77 12.14 13.42 43.08
C TRP D 77 11.24 12.25 43.47
N ARG D 78 10.50 12.40 44.57
CA ARG D 78 9.82 11.26 45.17
C ARG D 78 8.50 10.95 44.47
N TYR D 79 7.69 11.97 44.19
CA TYR D 79 6.35 11.77 43.68
C TYR D 79 6.32 12.08 42.19
N ASN D 80 5.99 11.07 41.39
CA ASN D 80 5.69 11.23 39.97
C ASN D 80 6.85 11.92 39.26
N TRP D 81 8.02 11.27 39.29
CA TRP D 81 9.22 11.94 38.80
C TRP D 81 9.16 12.21 37.31
N ALA D 82 8.81 11.22 36.49
CA ALA D 82 8.97 11.35 35.05
C ALA D 82 8.12 12.48 34.48
N TRP D 83 6.83 12.47 34.81
CA TRP D 83 5.95 13.55 34.34
C TRP D 83 6.41 14.89 34.88
N ASN D 84 6.90 14.93 36.12
CA ASN D 84 7.30 16.21 36.70
C ASN D 84 8.51 16.79 36.00
N THR D 85 9.49 15.97 35.62
CA THR D 85 10.62 16.52 34.88
C THR D 85 10.23 16.86 33.45
N PHE D 86 9.26 16.13 32.87
CA PHE D 86 8.78 16.55 31.56
C PHE D 86 8.12 17.93 31.64
N ASP D 87 7.27 18.15 32.64
CA ASP D 87 6.68 19.46 32.85
C ASP D 87 7.75 20.50 33.11
N LEU D 88 8.74 20.17 33.93
CA LEU D 88 9.81 21.10 34.23
C LEU D 88 10.56 21.50 32.98
N VAL D 89 10.86 20.55 32.11
CA VAL D 89 11.59 20.87 30.88
C VAL D 89 10.74 21.75 29.97
N VAL D 90 9.46 21.41 29.81
CA VAL D 90 8.63 22.17 28.88
C VAL D 90 8.42 23.59 29.39
N VAL D 91 8.24 23.77 30.70
CA VAL D 91 8.03 25.11 31.21
C VAL D 91 9.35 25.86 31.33
N ALA D 92 10.48 25.15 31.43
CA ALA D 92 11.76 25.82 31.37
C ALA D 92 11.99 26.40 29.99
N ILE D 93 11.67 25.63 28.94
CA ILE D 93 11.77 26.17 27.60
C ILE D 93 10.73 27.26 27.37
N GLY D 94 9.57 27.16 28.03
CA GLY D 94 8.59 28.23 27.92
C GLY D 94 9.02 29.52 28.59
N THR D 95 9.72 29.41 29.72
CA THR D 95 10.25 30.61 30.36
C THR D 95 11.40 31.17 29.55
N LEU D 96 12.21 30.31 28.96
CA LEU D 96 13.17 30.73 27.95
C LEU D 96 12.48 31.49 26.82
N THR D 97 11.27 31.05 26.45
CA THR D 97 10.52 31.74 25.40
C THR D 97 10.03 33.11 25.87
N MET D 98 9.57 33.19 27.12
CA MET D 98 9.21 34.49 27.68
C MET D 98 10.42 35.43 27.68
N ALA D 99 11.60 34.90 28.00
CA ALA D 99 12.81 35.71 27.99
C ALA D 99 13.16 36.18 26.58
N GLU D 100 13.03 35.30 25.58
CA GLU D 100 13.19 35.73 24.20
C GLU D 100 12.17 36.80 23.82
N ALA D 101 10.95 36.69 24.34
CA ALA D 101 9.92 37.65 23.97
C ALA D 101 10.17 39.00 24.64
N ILE D 102 10.82 39.01 25.80
CA ILE D 102 11.03 40.26 26.51
C ILE D 102 12.38 40.90 26.19
N GLY D 103 13.47 40.19 26.49
CA GLY D 103 14.75 40.86 26.62
C GLY D 103 15.95 40.36 25.85
N GLY D 104 15.81 40.07 24.57
CA GLY D 104 16.96 39.99 23.67
C GLY D 104 17.20 38.59 23.17
N ASN D 105 18.17 38.50 22.25
CA ASN D 105 18.53 37.24 21.60
C ASN D 105 19.62 36.56 22.44
N PHE D 106 19.22 36.20 23.66
CA PHE D 106 20.06 35.34 24.49
C PHE D 106 20.06 33.89 24.01
N MET D 107 19.16 33.55 23.09
CA MET D 107 19.40 32.22 22.52
C MET D 107 20.07 32.33 21.16
N PRO D 108 21.10 31.53 20.90
CA PRO D 108 21.74 31.55 19.58
C PRO D 108 20.83 31.01 18.51
N PRO D 109 21.02 31.42 17.25
CA PRO D 109 20.15 30.95 16.17
C PRO D 109 20.35 29.48 15.81
N SER D 110 21.20 28.75 16.54
CA SER D 110 21.42 27.33 16.24
C SER D 110 20.43 26.44 16.98
N MET D 111 19.78 26.98 18.00
CA MET D 111 18.92 26.20 18.87
C MET D 111 17.45 26.56 18.71
N ALA D 112 16.94 26.75 17.49
CA ALA D 112 15.51 26.98 17.30
C ALA D 112 14.71 25.69 17.42
N LEU D 113 15.33 24.54 17.15
CA LEU D 113 14.61 23.28 17.32
C LEU D 113 14.19 23.04 18.77
N ILE D 114 14.76 23.80 19.71
CA ILE D 114 14.21 23.81 21.06
C ILE D 114 13.02 24.78 21.16
N ARG D 115 12.97 25.79 20.30
CA ARG D 115 11.80 26.67 20.26
C ARG D 115 10.62 25.96 19.63
N ASN D 116 10.88 24.88 18.90
CA ASN D 116 9.79 24.09 18.31
C ASN D 116 9.17 23.09 19.27
N LEU D 117 9.59 23.03 20.52
CA LEU D 117 9.12 22.00 21.45
C LEU D 117 7.74 22.30 22.02
N ARG D 118 7.12 23.43 21.65
CA ARG D 118 5.80 23.76 22.16
C ARG D 118 4.75 22.75 21.73
N ALA D 119 4.92 22.16 20.55
CA ALA D 119 3.94 21.20 20.05
C ALA D 119 3.82 19.99 20.96
N PHE D 120 4.84 19.72 21.75
CA PHE D 120 4.88 18.52 22.57
C PHE D 120 4.31 18.72 23.96
N ARG D 121 3.79 19.90 24.28
CA ARG D 121 3.11 20.07 25.56
C ARG D 121 1.82 19.27 25.61
N ILE D 122 1.23 18.96 24.45
CA ILE D 122 0.00 18.19 24.39
C ILE D 122 0.18 16.80 24.95
N PHE D 123 1.42 16.34 25.08
CA PHE D 123 1.66 15.03 25.69
C PHE D 123 1.30 15.02 27.16
N ARG D 124 1.25 16.19 27.79
CA ARG D 124 0.79 16.26 29.18
C ARG D 124 -0.68 15.88 29.31
N LEU D 125 -1.44 16.01 28.23
CA LEU D 125 -2.83 15.56 28.23
C LEU D 125 -2.94 14.06 28.41
N PHE D 126 -1.96 13.31 27.91
CA PHE D 126 -1.95 11.86 28.07
C PHE D 126 -1.80 11.47 29.53
N LYS D 127 -1.43 12.41 30.39
CA LYS D 127 -1.43 12.17 31.83
C LYS D 127 -2.79 12.45 32.45
N ARG D 128 -3.51 13.45 31.94
CA ARG D 128 -4.79 13.84 32.51
C ARG D 128 -5.89 12.83 32.17
N ILE D 129 -5.93 12.37 30.93
CA ILE D 129 -6.98 11.48 30.47
C ILE D 129 -6.49 10.04 30.62
N LYS D 130 -7.27 9.23 31.35
CA LYS D 130 -6.83 7.87 31.68
C LYS D 130 -6.85 6.93 30.48
N SER D 131 -7.63 7.23 29.44
CA SER D 131 -7.69 6.36 28.28
C SER D 131 -6.43 6.48 27.42
N LEU D 132 -6.05 7.72 27.09
CA LEU D 132 -4.81 7.93 26.35
C LEU D 132 -3.62 7.44 27.16
N ASN D 133 -3.68 7.58 28.48
CA ASN D 133 -2.62 7.06 29.33
C ASN D 133 -2.54 5.55 29.23
N LYS D 134 -3.70 4.90 29.23
CA LYS D 134 -3.79 3.46 29.12
C LYS D 134 -3.28 2.92 27.80
N ILE D 135 -3.40 3.72 26.74
CA ILE D 135 -2.93 3.30 25.43
C ILE D 135 -1.43 3.54 25.30
N ILE D 136 -0.94 4.69 25.74
CA ILE D 136 0.49 4.95 25.59
C ILE D 136 1.31 4.05 26.52
N VAL D 137 0.78 3.69 27.69
CA VAL D 137 1.49 2.77 28.54
C VAL D 137 1.57 1.39 27.90
N SER D 138 0.48 0.96 27.24
CA SER D 138 0.52 -0.32 26.53
C SER D 138 1.54 -0.28 25.40
N LEU D 139 1.56 0.80 24.63
CA LEU D 139 2.56 0.97 23.58
C LEU D 139 3.97 0.86 24.14
N GLY D 140 4.22 1.54 25.27
CA GLY D 140 5.57 1.57 25.81
C GLY D 140 6.00 0.23 26.38
N LYS D 141 5.08 -0.49 27.00
CA LYS D 141 5.43 -1.82 27.48
C LYS D 141 5.43 -2.88 26.38
N ALA D 142 4.96 -2.53 25.18
CA ALA D 142 5.08 -3.45 24.05
C ALA D 142 6.34 -3.24 23.21
N ILE D 143 6.86 -2.00 23.14
CA ILE D 143 8.06 -1.75 22.30
C ILE D 143 9.22 -2.68 22.59
N PRO D 144 9.62 -2.94 23.84
CA PRO D 144 10.73 -3.86 24.08
C PRO D 144 10.54 -5.24 23.48
N GLY D 145 9.30 -5.71 23.33
CA GLY D 145 9.09 -6.98 22.64
C GLY D 145 9.32 -6.87 21.16
N VAL D 146 8.94 -5.74 20.57
CA VAL D 146 9.21 -5.49 19.16
C VAL D 146 10.71 -5.52 18.88
N ALA D 147 11.51 -5.07 19.85
CA ALA D 147 12.96 -4.90 19.70
C ALA D 147 13.69 -5.98 18.89
N ASN D 148 13.45 -7.26 19.20
CA ASN D 148 14.23 -8.33 18.59
C ASN D 148 13.93 -8.46 17.09
N ALA D 149 12.66 -8.64 16.77
CA ALA D 149 12.26 -8.72 15.37
C ALA D 149 12.63 -7.44 14.63
N PHE D 150 12.60 -6.30 15.31
CA PHE D 150 13.02 -5.06 14.66
C PHE D 150 14.49 -5.10 14.30
N VAL D 151 15.35 -5.60 15.20
CA VAL D 151 16.77 -5.61 14.89
C VAL D 151 17.08 -6.64 13.81
N ILE D 152 16.32 -7.73 13.76
CA ILE D 152 16.48 -8.68 12.66
C ILE D 152 16.11 -8.02 11.33
N MET D 153 14.98 -7.31 11.32
CA MET D 153 14.57 -6.52 10.17
C MET D 153 15.67 -5.56 9.73
N VAL D 154 16.29 -4.87 10.69
CA VAL D 154 17.31 -3.87 10.36
C VAL D 154 18.56 -4.54 9.82
N ILE D 155 18.94 -5.69 10.38
CA ILE D 155 20.10 -6.42 9.88
C ILE D 155 19.89 -6.84 8.44
N ILE D 156 18.70 -7.37 8.14
CA ILE D 156 18.43 -7.82 6.78
C ILE D 156 18.38 -6.65 5.81
N MET D 157 17.78 -5.53 6.23
CA MET D 157 17.77 -4.34 5.40
C MET D 157 19.18 -3.81 5.18
N CYS D 158 20.06 -3.98 6.17
CA CYS D 158 21.43 -3.50 6.04
C CYS D 158 22.24 -4.38 5.10
N ILE D 159 22.03 -5.69 5.16
CA ILE D 159 22.62 -6.59 4.18
C ILE D 159 22.19 -6.20 2.78
N TYR D 160 20.89 -6.01 2.59
CA TYR D 160 20.39 -5.62 1.27
C TYR D 160 20.92 -4.26 0.85
N ALA D 161 21.17 -3.36 1.80
CA ALA D 161 21.72 -2.05 1.45
C ALA D 161 23.18 -2.16 1.02
N ILE D 162 23.95 -3.03 1.68
CA ILE D 162 25.32 -3.28 1.27
C ILE D 162 25.34 -3.84 -0.15
N LEU D 163 24.52 -4.86 -0.40
CA LEU D 163 24.46 -5.45 -1.73
C LEU D 163 23.96 -4.47 -2.75
N GLY D 164 23.01 -3.61 -2.38
CA GLY D 164 22.50 -2.64 -3.31
C GLY D 164 23.51 -1.58 -3.68
N VAL D 165 24.32 -1.16 -2.71
CA VAL D 165 25.40 -0.23 -3.05
C VAL D 165 26.42 -0.91 -3.94
N GLU D 166 26.71 -2.18 -3.68
CA GLU D 166 27.68 -2.88 -4.52
C GLU D 166 27.17 -3.02 -5.96
N PHE D 167 25.90 -3.42 -6.13
CA PHE D 167 25.39 -3.71 -7.46
C PHE D 167 24.99 -2.44 -8.20
N TYR D 168 24.17 -1.60 -7.59
CA TYR D 168 23.43 -0.58 -8.32
C TYR D 168 23.93 0.84 -8.11
N HIS D 169 25.03 1.05 -7.38
CA HIS D 169 25.45 2.41 -7.11
C HIS D 169 25.93 3.14 -8.36
N MET D 170 26.16 2.44 -9.46
CA MET D 170 26.62 3.09 -10.69
C MET D 170 25.68 2.85 -11.86
N THR D 171 24.46 2.39 -11.62
CA THR D 171 23.51 2.14 -12.69
C THR D 171 23.04 3.47 -13.30
N GLY D 172 23.24 3.63 -14.60
CA GLY D 172 22.82 4.84 -15.28
C GLY D 172 23.70 6.04 -15.02
N SER D 173 24.96 5.82 -14.65
CA SER D 173 25.84 6.91 -14.26
C SER D 173 26.09 7.88 -15.39
N ASP D 174 26.10 7.38 -16.63
CA ASP D 174 26.17 8.23 -17.80
C ASP D 174 25.00 9.19 -17.89
N GLY D 175 23.99 9.01 -17.05
CA GLY D 175 22.73 9.71 -17.17
C GLY D 175 21.71 8.98 -18.00
N THR D 176 22.15 8.05 -18.84
CA THR D 176 21.29 7.24 -19.66
C THR D 176 21.64 5.78 -19.46
N TYR D 177 20.71 4.90 -19.80
CA TYR D 177 21.00 3.48 -19.92
C TYR D 177 20.31 2.93 -21.15
N VAL D 178 20.63 1.69 -21.48
CA VAL D 178 20.16 1.05 -22.71
C VAL D 178 19.21 -0.08 -22.33
N THR D 179 18.12 -0.20 -23.09
CA THR D 179 17.18 -1.29 -22.95
C THR D 179 17.09 -1.98 -24.30
N TYR D 180 16.54 -3.18 -24.34
CA TYR D 180 16.62 -4.02 -25.52
C TYR D 180 15.25 -4.50 -25.98
N ASN D 181 15.01 -4.38 -27.28
CA ASN D 181 13.75 -4.71 -27.93
C ASN D 181 13.72 -6.17 -28.34
N ASP D 182 12.53 -6.59 -28.76
CA ASP D 182 12.33 -7.76 -29.60
C ASP D 182 11.55 -7.37 -30.84
N ASN D 183 11.88 -6.21 -31.41
CA ASN D 183 11.07 -5.63 -32.47
C ASN D 183 10.96 -6.55 -33.67
N VAL D 184 12.03 -7.29 -33.98
CA VAL D 184 11.99 -8.19 -35.13
C VAL D 184 11.04 -9.34 -34.87
N LYS D 185 11.24 -10.06 -33.77
CA LYS D 185 10.42 -11.22 -33.48
C LYS D 185 8.98 -10.83 -33.19
N ARG D 186 8.75 -9.58 -32.83
CA ARG D 186 7.39 -9.11 -32.58
C ARG D 186 6.76 -8.54 -33.84
N GLY D 187 7.40 -8.69 -34.99
CA GLY D 187 6.82 -8.29 -36.24
C GLY D 187 6.84 -6.79 -36.47
N LEU D 188 7.30 -6.02 -35.49
CA LEU D 188 7.30 -4.58 -35.61
C LEU D 188 8.37 -4.10 -36.58
N CYS D 189 9.30 -4.98 -36.94
CA CYS D 189 10.31 -4.68 -37.92
C CYS D 189 10.85 -5.97 -38.50
N THR D 190 11.62 -5.84 -39.58
CA THR D 190 12.32 -6.96 -40.20
C THR D 190 13.78 -6.92 -39.82
N GLY D 191 14.45 -8.05 -39.95
CA GLY D 191 15.89 -8.07 -39.78
C GLY D 191 16.62 -7.18 -40.78
N ASP D 192 16.08 -7.04 -41.98
CA ASP D 192 16.73 -6.22 -43.00
C ASP D 192 16.79 -4.75 -42.60
N GLU D 193 15.70 -4.22 -42.03
CA GLU D 193 15.71 -2.82 -41.65
C GLU D 193 16.52 -2.58 -40.38
N VAL D 194 16.70 -3.63 -39.57
CA VAL D 194 17.61 -3.50 -38.43
C VAL D 194 19.05 -3.43 -38.92
N GLU D 195 19.43 -4.31 -39.86
CA GLU D 195 20.78 -4.28 -40.40
C GLU D 195 21.00 -3.05 -41.28
N LEU D 196 19.93 -2.45 -41.79
CA LEU D 196 20.09 -1.32 -42.68
C LEU D 196 20.34 -0.03 -41.91
N GLY D 197 19.74 0.13 -40.73
CA GLY D 197 19.90 1.33 -39.95
C GLY D 197 18.62 2.15 -39.87
N GLN D 198 17.49 1.52 -40.19
CA GLN D 198 16.22 2.22 -40.19
C GLN D 198 15.51 2.09 -38.85
N CYS D 199 15.60 0.93 -38.20
CA CYS D 199 15.14 0.76 -36.83
C CYS D 199 16.24 0.07 -36.04
N SER D 200 16.00 -0.13 -34.74
CA SER D 200 17.02 -0.64 -33.84
C SER D 200 16.40 -1.57 -32.82
N LEU D 201 17.24 -2.43 -32.23
CA LEU D 201 16.80 -3.36 -31.20
C LEU D 201 17.16 -2.88 -29.80
N ASN D 202 17.65 -1.65 -29.67
CA ASN D 202 17.96 -1.08 -28.36
C ASN D 202 17.49 0.38 -28.33
N GLN D 203 17.17 0.85 -27.13
CA GLN D 203 16.73 2.22 -26.91
C GLN D 203 17.55 2.81 -25.77
N THR D 204 17.98 4.06 -25.93
CA THR D 204 18.71 4.79 -24.89
C THR D 204 17.71 5.53 -24.03
N VAL D 205 17.66 5.14 -22.75
CA VAL D 205 16.73 5.74 -21.81
C VAL D 205 17.49 6.58 -20.79
N SER D 206 16.96 7.75 -20.48
CA SER D 206 17.60 8.63 -19.51
C SER D 206 17.40 8.09 -18.09
N SER D 207 18.46 8.19 -17.29
CA SER D 207 18.48 7.64 -15.94
C SER D 207 18.25 8.69 -14.87
N GLU D 208 18.08 9.95 -15.24
CA GLU D 208 17.95 11.02 -14.26
C GLU D 208 16.62 10.93 -13.52
N THR D 209 16.68 11.10 -12.21
CA THR D 209 15.49 11.10 -11.38
C THR D 209 14.89 12.49 -11.33
N ALA D 210 13.79 12.63 -10.59
CA ALA D 210 13.12 13.91 -10.40
C ALA D 210 13.90 14.84 -9.50
N ARG D 211 14.87 14.32 -8.75
CA ARG D 211 15.67 15.13 -7.89
C ARG D 211 16.99 15.56 -8.52
N GLY D 212 17.20 15.31 -9.81
CA GLY D 212 18.38 15.75 -10.53
C GLY D 212 19.50 14.75 -10.59
N TYR D 213 19.40 13.64 -9.88
CA TYR D 213 20.45 12.65 -9.79
C TYR D 213 20.41 11.72 -11.01
N THR D 214 21.19 10.66 -10.97
CA THR D 214 20.98 9.48 -11.79
C THR D 214 20.52 8.35 -10.88
N TYR D 215 20.00 7.29 -11.51
CA TYR D 215 19.31 6.25 -10.75
C TYR D 215 20.19 5.70 -9.63
N GLY D 216 21.41 5.28 -9.96
CA GLY D 216 22.25 4.62 -8.98
C GLY D 216 22.70 5.56 -7.87
N GLU D 217 23.11 6.78 -8.23
CA GLU D 217 23.59 7.72 -7.22
C GLU D 217 22.49 8.08 -6.24
N GLU D 218 21.28 8.20 -6.76
CA GLU D 218 20.11 8.61 -5.97
C GLU D 218 19.44 7.49 -5.15
N TYR D 219 19.56 6.24 -5.56
CA TYR D 219 18.90 5.18 -4.80
C TYR D 219 19.89 4.31 -4.04
N TYR D 220 21.11 4.14 -4.55
CA TYR D 220 22.10 3.28 -3.93
C TYR D 220 23.48 3.92 -3.95
N GLY D 221 23.55 5.24 -4.03
CA GLY D 221 24.84 5.90 -4.13
C GLY D 221 25.72 5.67 -2.91
N THR D 222 25.13 5.64 -1.73
CA THR D 222 25.82 5.35 -0.49
C THR D 222 24.99 4.37 0.31
N PHE D 223 25.51 3.97 1.47
CA PHE D 223 24.84 2.99 2.31
C PHE D 223 23.56 3.53 2.93
N PHE D 224 23.54 4.78 3.36
CA PHE D 224 22.33 5.34 3.96
C PHE D 224 21.31 5.72 2.91
N ARG D 225 21.75 6.09 1.72
CA ARG D 225 20.82 6.22 0.61
C ARG D 225 20.15 4.91 0.29
N ALA D 226 20.93 3.83 0.23
CA ALA D 226 20.36 2.51 -0.06
C ALA D 226 19.45 2.04 1.06
N LEU D 227 19.79 2.36 2.30
CA LEU D 227 18.95 2.00 3.44
C LEU D 227 17.63 2.75 3.42
N TYR D 228 17.65 4.03 3.06
CA TYR D 228 16.43 4.78 2.87
C TYR D 228 15.59 4.22 1.74
N THR D 229 16.25 3.88 0.61
CA THR D 229 15.56 3.28 -0.52
C THR D 229 14.90 1.96 -0.13
N LEU D 230 15.55 1.17 0.70
CA LEU D 230 14.98 -0.11 1.10
C LEU D 230 13.86 0.07 2.12
N PHE D 231 13.90 1.13 2.92
CA PHE D 231 12.75 1.47 3.75
C PHE D 231 11.56 1.85 2.88
N GLN D 232 11.81 2.65 1.85
CA GLN D 232 10.74 3.01 0.91
C GLN D 232 10.17 1.79 0.23
N VAL D 233 11.03 0.87 -0.23
CA VAL D 233 10.56 -0.38 -0.83
C VAL D 233 9.83 -1.23 0.21
N LEU D 234 10.26 -1.18 1.46
CA LEU D 234 9.60 -1.92 2.52
C LEU D 234 8.18 -1.43 2.75
N THR D 235 7.90 -0.18 2.41
CA THR D 235 6.55 0.35 2.54
C THR D 235 5.75 0.21 1.25
N GLY D 236 6.41 -0.17 0.16
CA GLY D 236 5.74 -0.35 -1.11
C GLY D 236 5.65 0.86 -1.99
N GLU D 237 6.31 1.93 -1.59
CA GLU D 237 6.23 3.16 -2.35
C GLU D 237 7.02 3.21 -3.64
N SER D 238 6.36 3.12 -4.78
CA SER D 238 6.97 3.27 -6.10
C SER D 238 8.17 2.35 -6.27
N TRP D 239 8.14 1.20 -5.61
CA TRP D 239 9.32 0.35 -5.57
C TRP D 239 9.65 -0.27 -6.92
N SER D 240 8.67 -0.39 -7.82
CA SER D 240 8.90 -0.97 -9.13
C SER D 240 9.17 0.09 -10.19
N GLU D 241 8.30 1.08 -10.32
CA GLU D 241 8.38 1.99 -11.44
C GLU D 241 9.60 2.91 -11.35
N ALA D 242 10.01 3.28 -10.15
CA ALA D 242 11.13 4.19 -9.96
C ALA D 242 12.42 3.46 -9.58
N VAL D 243 12.33 2.34 -8.89
CA VAL D 243 13.51 1.67 -8.35
C VAL D 243 13.79 0.36 -9.09
N ALA D 244 12.87 -0.60 -8.97
CA ALA D 244 13.17 -1.97 -9.41
C ALA D 244 13.27 -2.06 -10.93
N ARG D 245 12.28 -1.53 -11.65
CA ARG D 245 12.22 -1.76 -13.09
C ARG D 245 13.38 -1.17 -13.87
N PRO D 246 13.92 0.01 -13.55
CA PRO D 246 15.11 0.46 -14.28
C PRO D 246 16.28 -0.51 -14.16
N ALA D 247 16.52 -1.05 -12.96
CA ALA D 247 17.58 -2.04 -12.79
C ALA D 247 17.24 -3.34 -13.49
N VAL D 248 15.99 -3.75 -13.45
CA VAL D 248 15.57 -5.01 -14.04
C VAL D 248 15.75 -5.00 -15.55
N PHE D 249 15.38 -3.91 -16.21
CA PHE D 249 15.45 -3.82 -17.66
C PHE D 249 16.76 -3.21 -18.16
N GLU D 250 17.58 -2.68 -17.26
CA GLU D 250 18.93 -2.29 -17.66
C GLU D 250 19.77 -3.52 -17.94
N SER D 251 19.52 -4.60 -17.18
CA SER D 251 20.14 -5.88 -17.46
C SER D 251 19.56 -6.48 -18.74
N HIS D 252 20.40 -6.66 -19.75
CA HIS D 252 19.93 -7.22 -21.00
C HIS D 252 19.32 -8.59 -20.80
N TYR D 253 20.13 -9.54 -20.34
CA TYR D 253 19.70 -10.91 -20.12
C TYR D 253 19.83 -11.35 -18.67
N ASP D 254 20.48 -10.57 -17.83
CA ASP D 254 20.71 -10.92 -16.43
C ASP D 254 19.60 -10.38 -15.53
N SER D 255 18.41 -10.18 -16.09
CA SER D 255 17.31 -9.56 -15.36
C SER D 255 16.92 -10.31 -14.11
N PHE D 256 17.29 -11.58 -13.99
CA PHE D 256 16.95 -12.33 -12.78
C PHE D 256 17.66 -11.76 -11.56
N GLY D 257 18.79 -11.08 -11.75
CA GLY D 257 19.53 -10.51 -10.66
C GLY D 257 18.74 -9.46 -9.89
N PRO D 258 18.43 -8.34 -10.55
CA PRO D 258 17.60 -7.33 -9.88
C PRO D 258 16.21 -7.83 -9.52
N VAL D 259 15.60 -8.63 -10.39
CA VAL D 259 14.27 -9.16 -10.11
C VAL D 259 14.30 -9.93 -8.80
N LEU D 260 15.30 -10.79 -8.62
CA LEU D 260 15.36 -11.62 -7.43
C LEU D 260 15.76 -10.80 -6.21
N PHE D 261 16.66 -9.83 -6.39
CA PHE D 261 16.96 -8.85 -5.35
C PHE D 261 15.68 -8.27 -4.76
N TYR D 262 14.88 -7.63 -5.61
CA TYR D 262 13.70 -6.92 -5.13
C TYR D 262 12.60 -7.87 -4.68
N VAL D 263 12.41 -8.99 -5.39
CA VAL D 263 11.34 -9.91 -5.03
C VAL D 263 11.65 -10.58 -3.71
N SER D 264 12.88 -11.03 -3.51
CA SER D 264 13.27 -11.63 -2.24
C SER D 264 13.16 -10.63 -1.11
N PHE D 265 13.62 -9.39 -1.33
CA PHE D 265 13.52 -8.39 -0.28
C PHE D 265 12.06 -8.12 0.08
N ILE D 266 11.23 -7.83 -0.92
CA ILE D 266 9.82 -7.58 -0.66
C ILE D 266 9.21 -8.74 0.11
N ILE D 267 9.34 -9.95 -0.41
CA ILE D 267 8.77 -11.11 0.27
C ILE D 267 9.25 -11.15 1.72
N ILE D 268 10.56 -11.35 1.92
CA ILE D 268 11.09 -11.58 3.26
C ILE D 268 10.73 -10.42 4.17
N CYS D 269 11.32 -9.26 3.90
CA CYS D 269 11.17 -8.13 4.80
C CYS D 269 9.72 -7.71 4.87
N GLN D 270 9.18 -7.20 3.76
CA GLN D 270 7.85 -6.60 3.81
C GLN D 270 6.72 -7.52 4.24
N ILE D 271 6.61 -8.70 3.63
CA ILE D 271 5.53 -9.57 4.04
C ILE D 271 5.88 -10.20 5.39
N VAL D 272 6.91 -11.07 5.39
CA VAL D 272 7.12 -11.89 6.56
C VAL D 272 7.49 -11.02 7.76
N LEU D 273 8.53 -10.21 7.62
CA LEU D 273 9.11 -9.56 8.79
C LEU D 273 8.22 -8.43 9.29
N ILE D 274 7.64 -7.60 8.41
CA ILE D 274 6.75 -6.57 8.92
C ILE D 274 5.57 -7.20 9.64
N ASN D 275 5.03 -8.29 9.08
CA ASN D 275 3.87 -8.86 9.74
C ASN D 275 4.24 -9.53 11.06
N VAL D 276 5.46 -10.07 11.19
CA VAL D 276 5.87 -10.61 12.49
C VAL D 276 6.09 -9.49 13.50
N VAL D 277 6.69 -8.38 13.07
CA VAL D 277 6.92 -7.27 13.98
C VAL D 277 5.59 -6.73 14.51
N VAL D 278 4.64 -6.48 13.60
CA VAL D 278 3.35 -5.96 14.02
C VAL D 278 2.58 -7.00 14.85
N ALA D 279 2.76 -8.28 14.55
CA ALA D 279 2.09 -9.31 15.35
C ALA D 279 2.61 -9.33 16.78
N VAL D 280 3.93 -9.20 16.96
CA VAL D 280 4.49 -9.13 18.30
C VAL D 280 4.01 -7.88 19.02
N LEU D 281 4.04 -6.73 18.33
CA LEU D 281 3.51 -5.48 18.89
C LEU D 281 2.10 -5.67 19.43
N LEU D 282 1.19 -6.14 18.57
CA LEU D 282 -0.21 -6.24 18.97
C LEU D 282 -0.43 -7.32 20.02
N ASP D 283 0.37 -8.39 20.03
CA ASP D 283 0.24 -9.39 21.07
C ASP D 283 0.60 -8.82 22.44
N LYS D 284 1.71 -8.09 22.50
CA LYS D 284 2.10 -7.49 23.77
C LYS D 284 1.09 -6.44 24.20
N MET D 285 0.48 -5.73 23.26
CA MET D 285 -0.58 -4.78 23.63
C MET D 285 -1.82 -5.50 24.17
N VAL D 286 -2.23 -6.60 23.54
CA VAL D 286 -3.50 -7.23 23.92
C VAL D 286 -3.33 -8.06 25.19
N GLU D 287 -2.10 -8.38 25.59
CA GLU D 287 -1.94 -8.93 26.94
C GLU D 287 -1.44 -7.85 27.91
N GLU D 288 -1.18 -6.64 27.39
CA GLU D 288 -1.29 -5.44 28.20
C GLU D 288 -2.75 -5.11 28.48
N ASP D 289 -3.66 -5.63 27.66
CA ASP D 289 -5.09 -5.35 27.84
C ASP D 289 -5.65 -6.00 29.10
N ILE E 1 -2.83 -7.25 9.04
CA ILE E 1 -2.20 -7.98 10.14
C ILE E 1 -3.02 -7.84 11.39
N ALA E 2 -3.66 -6.67 11.52
CA ALA E 2 -4.64 -6.50 12.59
C ALA E 2 -5.83 -7.43 12.36
N ALA E 3 -6.26 -7.56 11.10
CA ALA E 3 -7.26 -8.56 10.75
C ALA E 3 -6.75 -9.96 11.03
N ILE E 4 -5.48 -10.20 10.73
CA ILE E 4 -4.89 -11.51 10.99
C ILE E 4 -4.70 -11.71 12.48
N HIS E 5 -4.19 -10.70 13.20
CA HIS E 5 -3.91 -10.89 14.62
C HIS E 5 -5.18 -11.21 15.39
N ASN E 6 -6.31 -10.60 15.01
CA ASN E 6 -7.55 -10.86 15.73
C ASN E 6 -8.08 -12.25 15.40
N ALA E 7 -7.96 -12.67 14.13
CA ALA E 7 -8.34 -14.03 13.77
C ALA E 7 -7.59 -15.05 14.60
N ARG E 8 -6.27 -14.86 14.75
CA ARG E 8 -5.51 -15.72 15.65
C ARG E 8 -6.01 -15.63 17.08
N ARG E 9 -6.11 -14.41 17.61
CA ARG E 9 -6.62 -14.22 18.96
C ARG E 9 -7.97 -14.88 19.13
N LYS E 10 -8.84 -14.77 18.12
CA LYS E 10 -10.16 -15.41 18.17
C LYS E 10 -10.04 -16.89 18.50
N LYS E 11 -9.07 -17.59 17.89
CA LYS E 11 -8.87 -18.99 18.19
C LYS E 11 -8.25 -19.18 19.57
N ARG E 12 -7.40 -18.24 20.00
CA ARG E 12 -6.73 -18.38 21.28
C ARG E 12 -7.72 -18.39 22.44
N GLU E 13 -8.67 -17.44 22.46
CA GLU E 13 -9.66 -17.44 23.52
C GLU E 13 -10.64 -18.60 23.37
N ALA E 14 -10.91 -19.01 22.13
CA ALA E 14 -11.75 -20.18 21.92
C ALA E 14 -11.11 -21.42 22.54
N ALA E 15 -9.80 -21.56 22.41
CA ALA E 15 -9.09 -22.65 23.07
C ALA E 15 -9.02 -22.41 24.58
N ALA E 16 -8.91 -21.15 24.99
CA ALA E 16 -8.89 -20.84 26.41
C ALA E 16 -10.23 -21.16 27.06
N ALA E 17 -11.34 -20.88 26.37
CA ALA E 17 -12.65 -21.19 26.91
C ALA E 17 -12.91 -22.69 26.89
N HIS E 18 -12.34 -23.40 25.91
CA HIS E 18 -12.50 -24.85 25.86
C HIS E 18 -11.87 -25.51 27.08
N LYS E 19 -10.67 -25.09 27.45
CA LYS E 19 -10.03 -25.62 28.64
C LYS E 19 -10.73 -25.14 29.91
N ALA E 20 -11.15 -23.87 29.91
CA ALA E 20 -11.84 -23.31 31.07
C ALA E 20 -13.30 -23.75 31.10
#